data_7EWS
#
_entry.id   7EWS
#
_cell.length_a   70.109
_cell.length_b   77.727
_cell.length_c   162.197
_cell.angle_alpha   90.00
_cell.angle_beta   90.00
_cell.angle_gamma   90.00
#
_symmetry.space_group_name_H-M   'P 21 21 21'
#
loop_
_entity.id
_entity.type
_entity.pdbx_description
1 polymer 'arginine kinase'
2 water water
#
_entity_poly.entity_id   1
_entity_poly.type   'polypeptide(L)'
_entity_poly.pdbx_seq_one_letter_code
;MHHHHHHSQHKIFAKQDVRKLYLDEQGNVDFNKIQARWDELKNIKVSLANKHYTQAVVEKVKTMSAEDQQRFLDIVIAGL
TNDDSQVGISATRPEDYDVFLFYLEPIIREYHKIEGETKQEHDWNIPVGEYVLTKIDPALEKVSMRARVARNVVGYNLPS
SMDKDERIKFENQMVTVFENFGIPGNYYSLTPGHKNFISDQKADELRKRHFLFIDMTSDNHLMSNGVASDWPFGRGIWIS
QDESKMVWVGEEDQLRIISIVQGNDLGKVDQSLHELLNGIEKSGLKFAEHPVYGIITTCPTNMGTGKRQSILGKFPNLSK
AGTDEANLKDKAKSIGLQARGIGGEHSSVDQEGTADISPSARFGVTEAIVTKRLFEGLIVLYQIEKTTVPEKARNNCCTI
F
;
_entity_poly.pdbx_strand_id   A,B
#
# COMPACT_ATOMS: atom_id res chain seq x y z
N LYS A 11 -11.67 15.05 21.55
N LYS A 11 -11.65 15.01 21.50
CA LYS A 11 -12.15 15.50 20.21
CA LYS A 11 -12.08 15.61 20.20
C LYS A 11 -11.08 15.23 19.14
C LYS A 11 -11.12 15.19 19.07
N ILE A 12 -10.35 14.11 19.25
CA ILE A 12 -9.31 13.66 18.27
C ILE A 12 -9.76 12.31 17.73
N PHE A 13 -9.91 12.22 16.40
CA PHE A 13 -10.41 11.00 15.72
C PHE A 13 -9.26 10.37 14.95
N ALA A 14 -8.23 9.88 15.63
CA ALA A 14 -7.02 9.33 14.99
C ALA A 14 -7.34 7.98 14.34
N LYS A 15 -6.89 7.80 13.10
CA LYS A 15 -7.11 6.54 12.36
C LYS A 15 -6.84 5.32 13.25
N GLN A 16 -5.72 5.28 13.97
CA GLN A 16 -5.24 4.07 14.70
C GLN A 16 -6.28 3.63 15.74
N ASP A 17 -7.05 4.57 16.28
CA ASP A 17 -8.09 4.37 17.32
C ASP A 17 -9.44 4.07 16.65
N VAL A 18 -9.88 4.90 15.70
CA VAL A 18 -11.26 4.77 15.12
C VAL A 18 -11.35 3.49 14.28
N ARG A 19 -10.26 3.00 13.67
CA ARG A 19 -10.34 1.78 12.83
C ARG A 19 -10.81 0.60 13.70
N LYS A 20 -10.47 0.63 14.99
N LYS A 20 -10.46 0.63 14.99
CA LYS A 20 -10.76 -0.50 15.92
CA LYS A 20 -10.76 -0.50 15.93
C LYS A 20 -12.27 -0.65 16.15
C LYS A 20 -12.27 -0.65 16.14
N LEU A 21 -13.03 0.43 15.97
CA LEU A 21 -14.52 0.39 16.04
C LEU A 21 -15.13 -0.56 14.99
N TYR A 22 -14.39 -0.94 13.94
CA TYR A 22 -14.91 -1.77 12.82
C TYR A 22 -14.23 -3.15 12.77
N LEU A 23 -13.52 -3.52 13.84
CA LEU A 23 -12.87 -4.84 14.00
C LEU A 23 -13.70 -5.71 14.94
N ASP A 24 -13.62 -7.03 14.74
CA ASP A 24 -14.22 -8.04 15.64
C ASP A 24 -13.20 -8.39 16.74
N GLU A 25 -13.58 -9.34 17.59
CA GLU A 25 -12.78 -9.79 18.77
C GLU A 25 -11.45 -10.43 18.30
N GLN A 26 -11.38 -11.01 17.11
CA GLN A 26 -10.13 -11.65 16.59
C GLN A 26 -9.27 -10.63 15.83
N GLY A 27 -9.67 -9.37 15.75
CA GLY A 27 -8.90 -8.32 15.06
C GLY A 27 -9.17 -8.29 13.56
N ASN A 28 -10.15 -9.07 13.07
CA ASN A 28 -10.54 -9.06 11.63
C ASN A 28 -11.60 -7.98 11.37
N VAL A 29 -11.70 -7.55 10.12
CA VAL A 29 -12.68 -6.50 9.70
C VAL A 29 -14.10 -7.06 9.89
N ASP A 30 -14.93 -6.32 10.61
CA ASP A 30 -16.36 -6.61 10.85
C ASP A 30 -17.23 -5.78 9.91
N PHE A 31 -17.63 -6.41 8.82
CA PHE A 31 -18.45 -5.81 7.74
C PHE A 31 -19.84 -5.47 8.30
N ASN A 32 -20.32 -6.16 9.33
CA ASN A 32 -21.60 -5.77 9.98
C ASN A 32 -21.44 -4.38 10.61
N LYS A 33 -20.39 -4.14 11.39
CA LYS A 33 -20.15 -2.81 12.01
C LYS A 33 -19.98 -1.73 10.93
N ILE A 34 -19.34 -2.04 9.80
CA ILE A 34 -19.18 -1.02 8.71
C ILE A 34 -20.57 -0.68 8.16
N GLN A 35 -21.40 -1.69 7.85
CA GLN A 35 -22.76 -1.47 7.28
C GLN A 35 -23.63 -0.70 8.29
N ALA A 36 -23.60 -1.07 9.58
CA ALA A 36 -24.35 -0.37 10.64
C ALA A 36 -24.03 1.12 10.65
N ARG A 37 -22.74 1.46 10.49
CA ARG A 37 -22.32 2.87 10.50
C ARG A 37 -22.82 3.58 9.23
N TRP A 38 -22.67 3.00 8.04
CA TRP A 38 -23.18 3.62 6.79
C TRP A 38 -24.70 3.85 6.94
N ASP A 39 -25.41 2.90 7.53
CA ASP A 39 -26.89 2.98 7.72
C ASP A 39 -27.22 4.13 8.69
N GLU A 40 -26.43 4.35 9.73
CA GLU A 40 -26.62 5.53 10.61
C GLU A 40 -26.44 6.78 9.77
N LEU A 41 -25.43 6.80 8.91
CA LEU A 41 -25.02 8.03 8.19
C LEU A 41 -26.04 8.41 7.11
N LYS A 42 -26.85 7.45 6.65
CA LYS A 42 -27.92 7.70 5.64
C LYS A 42 -28.92 8.75 6.12
N ASN A 43 -29.15 8.86 7.43
CA ASN A 43 -30.11 9.85 8.00
C ASN A 43 -29.37 11.17 8.21
N ILE A 44 -28.09 11.22 7.85
CA ILE A 44 -27.28 12.44 8.12
C ILE A 44 -26.74 12.99 6.81
N LYS A 45 -25.92 12.21 6.10
CA LYS A 45 -25.29 12.64 4.84
C LYS A 45 -24.69 11.42 4.14
N VAL A 46 -24.98 11.25 2.87
CA VAL A 46 -24.55 10.05 2.09
C VAL A 46 -23.31 10.46 1.29
N SER A 47 -22.13 10.04 1.72
CA SER A 47 -20.87 10.30 0.96
C SER A 47 -20.87 9.38 -0.26
N LEU A 48 -20.00 9.60 -1.22
CA LEU A 48 -19.85 8.68 -2.37
C LEU A 48 -19.37 7.30 -1.88
N ALA A 49 -18.53 7.25 -0.84
CA ALA A 49 -18.06 5.99 -0.22
C ALA A 49 -19.26 5.13 0.18
N ASN A 50 -20.21 5.75 0.87
CA ASN A 50 -21.47 5.12 1.34
C ASN A 50 -22.33 4.69 0.12
N LYS A 51 -22.52 5.60 -0.82
CA LYS A 51 -23.42 5.38 -1.99
C LYS A 51 -22.93 4.20 -2.83
N HIS A 52 -21.61 4.07 -3.05
CA HIS A 52 -21.04 3.00 -3.89
C HIS A 52 -20.72 1.74 -3.07
N TYR A 53 -20.90 1.77 -1.75
CA TYR A 53 -20.73 0.60 -0.87
C TYR A 53 -21.99 -0.26 -0.90
N THR A 54 -21.91 -1.39 -1.60
CA THR A 54 -23.04 -2.30 -1.91
C THR A 54 -22.71 -3.70 -1.42
N GLN A 55 -23.73 -4.55 -1.34
N GLN A 55 -23.72 -4.56 -1.35
CA GLN A 55 -23.57 -5.97 -0.95
CA GLN A 55 -23.51 -5.96 -0.93
C GLN A 55 -22.55 -6.67 -1.88
C GLN A 55 -22.52 -6.66 -1.88
N ALA A 56 -22.54 -6.35 -3.19
CA ALA A 56 -21.61 -6.96 -4.18
C ALA A 56 -20.15 -6.59 -3.83
N VAL A 57 -19.93 -5.32 -3.48
CA VAL A 57 -18.60 -4.78 -3.05
C VAL A 57 -18.18 -5.56 -1.80
N VAL A 58 -19.09 -5.71 -0.87
CA VAL A 58 -18.80 -6.43 0.41
C VAL A 58 -18.41 -7.88 0.10
N GLU A 59 -19.15 -8.58 -0.75
CA GLU A 59 -18.85 -10.01 -1.01
C GLU A 59 -17.48 -10.12 -1.71
N LYS A 60 -17.16 -9.18 -2.59
CA LYS A 60 -15.83 -9.11 -3.22
C LYS A 60 -14.77 -8.93 -2.12
N VAL A 61 -14.88 -7.90 -1.28
CA VAL A 61 -13.82 -7.62 -0.27
C VAL A 61 -13.66 -8.80 0.69
N LYS A 62 -14.76 -9.46 1.02
CA LYS A 62 -14.72 -10.65 1.90
C LYS A 62 -13.87 -11.75 1.27
N THR A 63 -13.68 -11.77 -0.05
CA THR A 63 -12.90 -12.86 -0.67
C THR A 63 -11.44 -12.47 -0.79
N MET A 64 -11.07 -11.24 -0.42
CA MET A 64 -9.69 -10.75 -0.59
C MET A 64 -8.88 -11.16 0.64
N SER A 65 -7.55 -11.07 0.53
CA SER A 65 -6.63 -11.39 1.64
C SER A 65 -7.02 -10.58 2.88
N ALA A 66 -6.74 -11.08 4.08
CA ALA A 66 -6.95 -10.33 5.34
C ALA A 66 -6.30 -8.95 5.22
N GLU A 67 -5.09 -8.87 4.63
CA GLU A 67 -4.33 -7.59 4.58
C GLU A 67 -5.08 -6.57 3.71
N ASP A 68 -5.60 -7.00 2.56
CA ASP A 68 -6.42 -6.17 1.66
C ASP A 68 -7.72 -5.77 2.37
N GLN A 69 -8.32 -6.62 3.19
CA GLN A 69 -9.55 -6.24 3.91
C GLN A 69 -9.26 -5.09 4.87
N GLN A 70 -8.16 -5.20 5.63
CA GLN A 70 -7.70 -4.17 6.59
C GLN A 70 -7.42 -2.86 5.83
N ARG A 71 -6.77 -2.97 4.68
CA ARG A 71 -6.46 -1.81 3.82
C ARG A 71 -7.77 -1.17 3.36
N PHE A 72 -8.76 -1.98 3.00
CA PHE A 72 -10.07 -1.50 2.50
C PHE A 72 -10.71 -0.64 3.60
N LEU A 73 -10.69 -1.14 4.83
CA LEU A 73 -11.17 -0.37 6.03
C LEU A 73 -10.42 0.98 6.11
N ASP A 74 -9.10 1.01 5.93
CA ASP A 74 -8.33 2.26 5.96
C ASP A 74 -8.73 3.18 4.80
N ILE A 75 -9.21 2.65 3.69
CA ILE A 75 -9.60 3.48 2.52
C ILE A 75 -10.95 4.18 2.79
N VAL A 76 -11.86 3.57 3.54
CA VAL A 76 -13.18 4.21 3.81
C VAL A 76 -13.24 4.86 5.21
N ILE A 77 -12.20 4.77 6.05
CA ILE A 77 -12.30 5.17 7.49
C ILE A 77 -12.69 6.66 7.63
N ALA A 78 -12.24 7.52 6.73
CA ALA A 78 -12.54 8.97 6.77
C ALA A 78 -14.04 9.16 6.60
N GLY A 79 -14.60 8.47 5.61
CA GLY A 79 -16.03 8.46 5.30
C GLY A 79 -16.86 7.92 6.44
N LEU A 80 -16.38 6.88 7.13
CA LEU A 80 -17.10 6.28 8.29
C LEU A 80 -17.07 7.24 9.48
N THR A 81 -15.98 7.97 9.67
CA THR A 81 -15.75 8.77 10.89
C THR A 81 -16.41 10.15 10.74
N ASN A 82 -16.32 10.78 9.57
CA ASN A 82 -16.64 12.23 9.39
C ASN A 82 -18.03 12.34 8.76
N ASP A 83 -19.03 12.75 9.57
CA ASP A 83 -20.45 12.96 9.16
C ASP A 83 -20.55 13.84 7.90
N ASP A 84 -19.65 14.80 7.76
CA ASP A 84 -19.71 15.86 6.72
C ASP A 84 -18.98 15.43 5.44
N SER A 85 -18.42 14.22 5.36
CA SER A 85 -17.70 13.75 4.13
C SER A 85 -18.62 13.80 2.90
N GLN A 86 -18.11 14.38 1.82
CA GLN A 86 -18.71 14.29 0.46
C GLN A 86 -18.27 12.99 -0.22
N VAL A 87 -16.99 12.62 -0.06
CA VAL A 87 -16.39 11.45 -0.78
C VAL A 87 -16.00 10.41 0.26
N GLY A 88 -15.10 10.75 1.18
CA GLY A 88 -14.75 9.90 2.33
C GLY A 88 -13.77 8.78 1.95
N ILE A 89 -12.93 8.99 0.94
CA ILE A 89 -11.97 7.98 0.42
C ILE A 89 -10.53 8.49 0.59
N SER A 90 -9.66 7.63 1.11
N SER A 90 -9.65 7.64 1.12
CA SER A 90 -8.20 7.88 1.21
CA SER A 90 -8.20 7.90 1.19
C SER A 90 -7.45 6.63 0.75
C SER A 90 -7.45 6.65 0.74
N ALA A 91 -6.81 6.70 -0.43
CA ALA A 91 -5.92 5.64 -0.91
C ALA A 91 -4.73 5.53 0.07
N THR A 92 -4.16 4.35 0.28
CA THR A 92 -3.02 4.13 1.22
C THR A 92 -1.70 3.93 0.46
N ARG A 93 -1.77 3.54 -0.81
CA ARG A 93 -0.60 3.25 -1.66
C ARG A 93 -0.97 3.59 -3.09
N PRO A 94 0.02 3.91 -3.96
CA PRO A 94 -0.22 4.13 -5.38
C PRO A 94 -1.03 3.02 -6.05
N GLU A 95 -0.77 1.77 -5.67
CA GLU A 95 -1.36 0.59 -6.31
C GLU A 95 -2.83 0.43 -5.89
N ASP A 96 -3.28 1.11 -4.83
CA ASP A 96 -4.65 0.91 -4.32
C ASP A 96 -5.71 1.23 -5.39
N TYR A 97 -5.45 2.18 -6.29
CA TYR A 97 -6.40 2.59 -7.36
C TYR A 97 -6.60 1.40 -8.32
N ASP A 98 -5.63 0.51 -8.46
CA ASP A 98 -5.81 -0.75 -9.23
C ASP A 98 -6.38 -1.86 -8.34
N VAL A 99 -5.83 -2.06 -7.14
CA VAL A 99 -6.25 -3.21 -6.28
C VAL A 99 -7.75 -3.10 -6.02
N PHE A 100 -8.25 -1.88 -5.77
CA PHE A 100 -9.64 -1.67 -5.30
C PHE A 100 -10.45 -0.93 -6.37
N LEU A 101 -10.04 -1.04 -7.61
CA LEU A 101 -10.65 -0.28 -8.74
C LEU A 101 -12.14 -0.61 -8.83
N PHE A 102 -12.56 -1.86 -8.62
CA PHE A 102 -13.98 -2.25 -8.69
C PHE A 102 -14.82 -1.24 -7.87
N TYR A 103 -14.37 -0.84 -6.69
CA TYR A 103 -15.08 0.08 -5.77
C TYR A 103 -14.69 1.53 -6.06
N LEU A 104 -13.40 1.81 -6.25
CA LEU A 104 -12.93 3.21 -6.41
C LEU A 104 -13.36 3.80 -7.76
N GLU A 105 -13.43 3.01 -8.83
CA GLU A 105 -13.68 3.59 -10.18
C GLU A 105 -15.02 4.34 -10.22
N PRO A 106 -16.15 3.73 -9.79
CA PRO A 106 -17.43 4.43 -9.80
C PRO A 106 -17.42 5.73 -8.99
N ILE A 107 -16.64 5.76 -7.89
CA ILE A 107 -16.52 6.96 -7.02
C ILE A 107 -15.78 8.05 -7.81
N ILE A 108 -14.66 7.70 -8.41
CA ILE A 108 -13.81 8.64 -9.20
C ILE A 108 -14.66 9.22 -10.33
N ARG A 109 -15.33 8.34 -11.08
CA ARG A 109 -16.13 8.68 -12.29
C ARG A 109 -17.33 9.55 -11.88
N GLU A 110 -17.96 9.27 -10.76
CA GLU A 110 -19.09 10.10 -10.31
C GLU A 110 -18.57 11.48 -9.87
N TYR A 111 -17.57 11.54 -9.00
CA TYR A 111 -17.07 12.83 -8.47
C TYR A 111 -16.62 13.74 -9.63
N HIS A 112 -15.85 13.19 -10.57
CA HIS A 112 -15.20 13.94 -11.67
C HIS A 112 -16.13 14.05 -12.88
N LYS A 113 -17.34 13.49 -12.79
CA LYS A 113 -18.33 13.44 -13.89
C LYS A 113 -17.64 12.99 -15.17
N ILE A 114 -16.94 11.87 -15.13
CA ILE A 114 -16.22 11.29 -16.30
C ILE A 114 -17.20 10.45 -17.14
N GLU A 115 -17.11 10.57 -18.45
CA GLU A 115 -18.02 9.90 -19.42
C GLU A 115 -17.18 9.18 -20.47
N GLY A 116 -17.62 8.02 -20.94
CA GLY A 116 -17.03 7.29 -22.07
C GLY A 116 -15.56 6.95 -21.82
N GLU A 117 -14.75 7.07 -22.87
CA GLU A 117 -13.33 6.58 -22.92
C GLU A 117 -12.37 7.68 -22.45
N THR A 118 -12.84 8.78 -21.87
CA THR A 118 -11.99 9.88 -21.32
C THR A 118 -10.85 9.32 -20.46
N LYS A 119 -9.63 9.79 -20.70
CA LYS A 119 -8.51 9.60 -19.76
C LYS A 119 -7.75 10.92 -19.60
N GLN A 120 -6.88 10.99 -18.60
CA GLN A 120 -6.05 12.19 -18.36
C GLN A 120 -5.03 12.34 -19.49
N GLU A 121 -4.99 13.51 -20.12
CA GLU A 121 -3.88 13.88 -21.03
C GLU A 121 -3.08 14.98 -20.36
N HIS A 122 -1.83 15.17 -20.79
CA HIS A 122 -0.92 16.19 -20.21
C HIS A 122 -0.32 17.05 -21.32
N ASP A 123 -0.11 18.32 -21.03
CA ASP A 123 0.49 19.26 -22.00
C ASP A 123 1.00 20.46 -21.22
N TRP A 124 2.31 20.60 -21.13
CA TRP A 124 3.00 21.71 -20.43
C TRP A 124 3.57 22.70 -21.48
N ASN A 125 3.21 22.54 -22.75
CA ASN A 125 3.67 23.48 -23.80
C ASN A 125 2.77 24.70 -23.75
N ILE A 126 2.98 25.56 -22.76
CA ILE A 126 2.05 26.69 -22.43
C ILE A 126 2.77 27.95 -22.88
N PRO A 127 2.15 28.75 -23.75
CA PRO A 127 2.84 29.92 -24.29
C PRO A 127 3.09 31.01 -23.23
N VAL A 128 4.21 31.70 -23.39
CA VAL A 128 4.62 32.93 -22.64
C VAL A 128 4.34 34.10 -23.58
N GLY A 129 3.85 35.22 -23.06
CA GLY A 129 3.52 36.41 -23.86
C GLY A 129 2.18 36.34 -24.53
N GLU A 130 1.25 35.51 -24.04
CA GLU A 130 -0.09 35.36 -24.67
C GLU A 130 -1.20 35.57 -23.64
N TYR A 131 -1.13 34.94 -22.48
CA TYR A 131 -2.16 35.06 -21.42
C TYR A 131 -1.80 36.24 -20.53
N VAL A 132 -1.70 37.42 -21.15
CA VAL A 132 -1.15 38.64 -20.51
C VAL A 132 -2.35 39.46 -20.00
N LEU A 133 -2.42 39.61 -18.68
CA LEU A 133 -3.59 40.22 -17.99
C LEU A 133 -3.75 41.70 -18.40
N THR A 134 -2.70 42.39 -18.84
CA THR A 134 -2.79 43.82 -19.26
C THR A 134 -3.70 44.01 -20.49
N LYS A 135 -3.86 42.98 -21.33
N LYS A 135 -3.85 42.97 -21.32
CA LYS A 135 -4.82 42.93 -22.47
CA LYS A 135 -4.81 42.91 -22.45
C LYS A 135 -6.25 43.08 -21.93
C LYS A 135 -6.24 43.07 -21.93
N ILE A 136 -6.47 42.70 -20.67
CA ILE A 136 -7.82 42.82 -20.05
C ILE A 136 -7.94 44.24 -19.46
N ASP A 137 -6.94 44.66 -18.71
CA ASP A 137 -6.94 45.99 -18.06
C ASP A 137 -5.49 46.39 -17.80
N PRO A 138 -5.14 47.68 -18.05
CA PRO A 138 -3.78 48.16 -17.84
C PRO A 138 -3.35 48.13 -16.36
N ALA A 139 -4.32 48.18 -15.44
CA ALA A 139 -4.06 48.09 -13.98
C ALA A 139 -3.53 46.71 -13.59
N LEU A 140 -3.73 45.67 -14.41
CA LEU A 140 -3.36 44.27 -14.08
C LEU A 140 -1.89 44.00 -14.43
N GLU A 141 -0.99 44.89 -14.03
CA GLU A 141 0.47 44.82 -14.30
C GLU A 141 1.18 43.90 -13.31
N LYS A 142 0.81 43.97 -12.03
CA LYS A 142 1.45 43.22 -10.93
C LYS A 142 0.35 42.52 -10.13
N VAL A 143 -0.06 41.35 -10.57
CA VAL A 143 -1.12 40.53 -9.92
C VAL A 143 -0.42 39.28 -9.36
N SER A 144 -0.86 38.80 -8.21
CA SER A 144 -0.37 37.52 -7.64
C SER A 144 -0.96 36.37 -8.46
N MET A 145 -0.11 35.72 -9.26
CA MET A 145 -0.44 34.54 -10.10
C MET A 145 0.12 33.29 -9.42
N ARG A 146 -0.74 32.28 -9.22
CA ARG A 146 -0.41 31.10 -8.38
C ARG A 146 -0.71 29.82 -9.16
N ALA A 147 0.20 28.86 -9.11
CA ALA A 147 -0.08 27.52 -9.67
C ALA A 147 0.62 26.50 -8.79
N ARG A 148 -0.06 25.40 -8.50
CA ARG A 148 0.60 24.28 -7.80
C ARG A 148 0.17 22.93 -8.40
N VAL A 149 0.98 21.91 -8.15
CA VAL A 149 0.63 20.51 -8.47
C VAL A 149 0.90 19.67 -7.23
N ALA A 150 0.03 18.73 -6.96
CA ALA A 150 0.23 17.71 -5.91
C ALA A 150 0.93 16.51 -6.57
N ARG A 151 1.86 15.87 -5.86
CA ARG A 151 2.60 14.68 -6.40
C ARG A 151 2.85 13.71 -5.26
N ASN A 152 2.84 12.43 -5.59
CA ASN A 152 3.35 11.32 -4.75
C ASN A 152 4.42 10.56 -5.55
N VAL A 153 5.30 9.89 -4.84
CA VAL A 153 6.56 9.31 -5.37
C VAL A 153 6.46 7.79 -5.31
N VAL A 154 6.72 7.14 -6.44
CA VAL A 154 6.77 5.66 -6.59
C VAL A 154 7.85 5.15 -5.61
N GLY A 155 7.48 4.17 -4.79
CA GLY A 155 8.35 3.51 -3.78
C GLY A 155 7.91 3.86 -2.36
N TYR A 156 6.95 4.76 -2.19
CA TYR A 156 6.42 5.14 -0.86
C TYR A 156 4.93 4.80 -0.77
N ASN A 157 4.48 4.50 0.45
CA ASN A 157 3.07 4.56 0.86
C ASN A 157 2.62 6.01 0.66
N LEU A 158 1.33 6.22 0.40
CA LEU A 158 0.76 7.59 0.42
C LEU A 158 0.75 8.09 1.86
N PRO A 159 0.70 9.42 2.07
CA PRO A 159 0.80 10.01 3.42
C PRO A 159 -0.27 9.52 4.40
N SER A 160 -1.37 8.96 3.89
CA SER A 160 -2.41 8.33 4.74
C SER A 160 -1.83 7.15 5.52
N SER A 161 -0.75 6.53 5.02
N SER A 161 -0.77 6.50 5.02
CA SER A 161 -0.24 5.24 5.53
CA SER A 161 -0.26 5.25 5.63
C SER A 161 1.29 5.23 5.65
C SER A 161 1.27 5.23 5.67
N MET A 162 1.91 6.35 6.01
CA MET A 162 3.40 6.39 6.17
C MET A 162 3.67 6.38 7.67
N ASP A 163 4.51 5.49 8.18
CA ASP A 163 4.93 5.55 9.62
C ASP A 163 6.02 6.60 9.79
N LYS A 164 6.42 6.84 11.03
CA LYS A 164 7.42 7.91 11.35
C LYS A 164 8.70 7.70 10.53
N ASP A 165 9.23 6.48 10.49
CA ASP A 165 10.50 6.18 9.81
C ASP A 165 10.36 6.45 8.31
N GLU A 166 9.21 6.08 7.72
CA GLU A 166 9.04 6.27 6.26
C GLU A 166 8.98 7.79 5.94
N ARG A 167 8.35 8.58 6.80
CA ARG A 167 8.22 10.05 6.64
C ARG A 167 9.62 10.69 6.70
N ILE A 168 10.44 10.24 7.67
CA ILE A 168 11.84 10.71 7.82
C ILE A 168 12.65 10.33 6.57
N LYS A 169 12.51 9.08 6.13
CA LYS A 169 13.22 8.60 4.93
C LYS A 169 12.81 9.46 3.73
N PHE A 170 11.51 9.72 3.59
CA PHE A 170 10.98 10.51 2.45
C PHE A 170 11.50 11.94 2.51
N GLU A 171 11.43 12.59 3.67
CA GLU A 171 12.00 13.97 3.84
C GLU A 171 13.49 13.95 3.47
N ASN A 172 14.25 12.99 3.98
CA ASN A 172 15.72 12.90 3.71
C ASN A 172 15.97 12.79 2.20
N GLN A 173 15.15 12.03 1.48
CA GLN A 173 15.36 11.87 0.02
C GLN A 173 15.07 13.23 -0.66
N MET A 174 14.05 13.94 -0.20
CA MET A 174 13.59 15.18 -0.85
C MET A 174 14.57 16.32 -0.53
N VAL A 175 15.13 16.36 0.69
CA VAL A 175 16.18 17.36 1.06
C VAL A 175 17.36 17.18 0.10
N THR A 176 17.76 15.94 -0.17
CA THR A 176 18.83 15.64 -1.16
C THR A 176 18.44 16.16 -2.54
N VAL A 177 17.18 15.98 -2.93
CA VAL A 177 16.72 16.49 -4.25
C VAL A 177 16.85 18.02 -4.25
N PHE A 178 16.37 18.73 -3.23
CA PHE A 178 16.38 20.22 -3.21
C PHE A 178 17.84 20.72 -3.18
N GLU A 179 18.69 20.08 -2.40
CA GLU A 179 20.14 20.40 -2.26
C GLU A 179 20.77 20.36 -3.66
N ASN A 180 20.37 19.40 -4.49
CA ASN A 180 21.11 18.99 -5.70
C ASN A 180 20.35 19.34 -6.98
N PHE A 181 19.09 19.81 -6.92
CA PHE A 181 18.26 19.98 -8.16
C PHE A 181 18.59 21.32 -8.85
N GLY A 182 19.57 22.09 -8.35
CA GLY A 182 20.15 23.23 -9.08
C GLY A 182 19.31 24.51 -9.03
N ILE A 183 18.31 24.62 -8.16
CA ILE A 183 17.57 25.91 -7.98
C ILE A 183 17.95 26.40 -6.58
N PRO A 184 18.53 27.62 -6.43
CA PRO A 184 18.95 28.10 -5.12
C PRO A 184 17.74 28.34 -4.21
N GLY A 185 17.91 28.04 -2.94
CA GLY A 185 16.85 28.19 -1.94
C GLY A 185 17.23 27.48 -0.67
N ASN A 186 16.26 27.38 0.24
CA ASN A 186 16.51 26.88 1.60
C ASN A 186 15.38 25.93 1.99
N TYR A 187 15.76 24.90 2.74
CA TYR A 187 14.82 23.92 3.33
C TYR A 187 14.67 24.24 4.80
N TYR A 188 13.42 24.21 5.27
CA TYR A 188 13.03 24.40 6.69
C TYR A 188 12.23 23.17 7.15
N SER A 189 12.76 22.41 8.13
CA SER A 189 12.14 21.16 8.64
C SER A 189 11.39 21.44 9.93
N LEU A 190 10.27 20.74 10.14
CA LEU A 190 9.54 20.72 11.42
C LEU A 190 9.97 19.48 12.20
N THR A 191 10.86 18.64 11.63
CA THR A 191 11.30 17.34 12.21
C THR A 191 12.32 17.59 13.32
N PRO A 192 11.97 17.31 14.62
CA PRO A 192 12.92 17.43 15.73
C PRO A 192 14.21 16.64 15.46
N GLY A 193 15.35 17.32 15.53
CA GLY A 193 16.69 16.75 15.34
C GLY A 193 17.17 16.87 13.90
N HIS A 194 16.36 17.42 13.00
CA HIS A 194 16.82 17.62 11.59
C HIS A 194 17.79 18.79 11.56
N LYS A 195 18.78 18.79 10.67
CA LYS A 195 19.76 19.89 10.55
C LYS A 195 19.04 21.20 10.23
N ASN A 196 17.91 21.13 9.52
CA ASN A 196 17.17 22.30 8.99
C ASN A 196 16.00 22.60 9.92
N PHE A 197 15.98 21.98 11.09
CA PHE A 197 14.90 22.20 12.09
C PHE A 197 14.67 23.70 12.27
N ILE A 198 13.41 24.08 12.22
CA ILE A 198 12.89 25.47 12.30
C ILE A 198 12.53 25.71 13.78
N SER A 199 12.78 26.89 14.33
CA SER A 199 12.28 27.25 15.68
C SER A 199 10.75 27.42 15.62
N ASP A 200 10.06 27.33 16.78
CA ASP A 200 8.59 27.55 16.90
C ASP A 200 8.24 29.00 16.51
N GLN A 201 9.18 29.94 16.70
CA GLN A 201 9.00 31.37 16.27
C GLN A 201 9.08 31.45 14.74
N LYS A 202 9.99 30.69 14.11
CA LYS A 202 10.26 30.75 12.65
C LYS A 202 9.08 30.16 11.86
N ALA A 203 8.50 29.05 12.35
CA ALA A 203 7.40 28.25 11.71
C ALA A 203 6.11 29.08 11.64
N ASP A 204 5.74 29.72 12.75
CA ASP A 204 4.57 30.65 12.83
C ASP A 204 4.87 31.82 11.89
N GLU A 205 6.09 32.35 11.98
CA GLU A 205 6.55 33.51 11.16
C GLU A 205 6.36 33.17 9.66
N LEU A 206 6.87 32.03 9.19
CA LEU A 206 6.67 31.54 7.80
C LEU A 206 5.17 31.34 7.53
N ARG A 207 4.44 30.80 8.50
CA ARG A 207 2.97 30.56 8.39
C ARG A 207 2.26 31.91 8.23
N LYS A 208 2.74 32.96 8.90
CA LYS A 208 2.13 34.31 8.85
C LYS A 208 2.51 35.03 7.55
N ARG A 209 3.70 34.75 7.01
CA ARG A 209 4.08 35.22 5.65
C ARG A 209 3.29 34.46 4.57
N HIS A 210 2.50 33.44 4.96
CA HIS A 210 1.61 32.61 4.10
C HIS A 210 2.44 31.64 3.25
N PHE A 211 3.61 31.21 3.73
CA PHE A 211 4.42 30.15 3.10
C PHE A 211 4.01 28.77 3.62
N LEU A 212 4.01 28.59 4.95
CA LEU A 212 4.03 27.25 5.60
C LEU A 212 2.59 26.79 5.91
N PHE A 213 2.32 25.52 5.64
CA PHE A 213 1.01 24.87 5.90
C PHE A 213 0.80 24.85 7.41
N ILE A 214 -0.44 24.59 7.82
CA ILE A 214 -0.82 24.66 9.26
C ILE A 214 -0.69 23.25 9.85
N ASP A 215 -0.60 23.19 11.18
CA ASP A 215 -0.62 21.94 11.99
C ASP A 215 -1.81 21.09 11.52
N MET A 216 -1.55 19.92 10.94
CA MET A 216 -2.60 19.08 10.30
C MET A 216 -3.41 18.32 11.36
N THR A 217 -2.91 18.24 12.60
CA THR A 217 -3.56 17.46 13.69
C THR A 217 -4.84 18.17 14.18
N SER A 218 -5.11 19.37 13.71
CA SER A 218 -6.32 20.15 14.07
C SER A 218 -7.47 19.79 13.13
N ASP A 219 -7.23 18.95 12.12
CA ASP A 219 -8.26 18.53 11.14
C ASP A 219 -8.62 17.07 11.39
N ASN A 220 -9.87 16.81 11.77
CA ASN A 220 -10.44 15.47 12.07
C ASN A 220 -10.37 14.60 10.82
N HIS A 221 -10.56 15.17 9.63
CA HIS A 221 -10.49 14.41 8.37
C HIS A 221 -9.07 13.86 8.22
N LEU A 222 -8.05 14.69 8.46
CA LEU A 222 -6.63 14.26 8.28
C LEU A 222 -6.16 13.40 9.45
N MET A 223 -6.77 13.58 10.63
CA MET A 223 -6.45 12.68 11.78
C MET A 223 -7.05 11.31 11.46
N SER A 224 -8.28 11.26 10.95
CA SER A 224 -9.04 9.99 10.76
C SER A 224 -8.46 9.15 9.60
N ASN A 225 -7.83 9.76 8.61
CA ASN A 225 -7.36 9.01 7.42
C ASN A 225 -5.84 8.81 7.50
N GLY A 226 -5.17 9.26 8.58
CA GLY A 226 -3.76 8.93 8.87
C GLY A 226 -2.80 9.95 8.28
N VAL A 227 -3.31 10.92 7.53
CA VAL A 227 -2.47 11.97 6.88
C VAL A 227 -1.75 12.79 7.97
N ALA A 228 -2.40 13.06 9.11
CA ALA A 228 -1.84 13.86 10.22
C ALA A 228 -1.01 13.01 11.19
N SER A 229 -0.81 11.72 10.93
CA SER A 229 -0.06 10.83 11.86
C SER A 229 1.41 11.29 12.04
N ASP A 230 1.96 10.98 13.22
CA ASP A 230 3.40 11.14 13.58
C ASP A 230 3.85 12.60 13.41
N TRP A 231 2.93 13.55 13.54
CA TRP A 231 3.18 15.00 13.45
C TRP A 231 4.27 15.39 14.46
N PRO A 232 5.27 16.23 14.11
CA PRO A 232 5.42 16.84 12.79
C PRO A 232 6.53 16.15 11.99
N PHE A 233 6.83 14.89 12.31
CA PHE A 233 7.92 14.11 11.68
C PHE A 233 7.72 14.05 10.16
N GLY A 234 8.74 14.53 9.45
CA GLY A 234 8.91 14.41 7.99
C GLY A 234 8.25 15.55 7.25
N ARG A 235 7.78 16.60 7.95
CA ARG A 235 7.16 17.79 7.33
C ARG A 235 8.17 18.93 7.26
N GLY A 236 8.10 19.72 6.18
CA GLY A 236 8.90 20.93 5.99
C GLY A 236 8.55 21.63 4.69
N ILE A 237 9.35 22.64 4.34
CA ILE A 237 9.06 23.49 3.17
C ILE A 237 10.40 23.89 2.59
N TRP A 238 10.52 23.73 1.30
CA TRP A 238 11.66 24.32 0.57
C TRP A 238 11.14 25.62 -0.05
N ILE A 239 11.89 26.70 0.07
CA ILE A 239 11.53 28.03 -0.49
C ILE A 239 12.71 28.49 -1.34
N SER A 240 12.46 28.81 -2.63
CA SER A 240 13.48 29.36 -3.55
C SER A 240 14.01 30.70 -3.02
N GLN A 241 15.22 31.07 -3.44
CA GLN A 241 15.89 32.33 -3.04
C GLN A 241 14.93 33.52 -3.27
N ASP A 242 14.29 33.58 -4.44
CA ASP A 242 13.41 34.72 -4.81
C ASP A 242 11.98 34.56 -4.27
N GLU A 243 11.68 33.49 -3.53
CA GLU A 243 10.35 33.17 -2.95
C GLU A 243 9.24 32.98 -3.99
N SER A 244 9.58 32.75 -5.25
CA SER A 244 8.60 32.49 -6.33
C SER A 244 8.26 30.99 -6.40
N LYS A 245 9.13 30.14 -5.87
CA LYS A 245 8.97 28.67 -5.96
C LYS A 245 9.06 28.07 -4.56
N MET A 246 8.18 27.13 -4.26
N MET A 246 8.18 27.13 -4.25
CA MET A 246 8.23 26.40 -2.98
CA MET A 246 8.27 26.40 -2.96
C MET A 246 7.70 24.97 -3.12
C MET A 246 7.69 24.99 -3.10
N VAL A 247 8.20 24.11 -2.26
CA VAL A 247 7.76 22.69 -2.18
C VAL A 247 7.42 22.41 -0.72
N TRP A 248 6.16 22.11 -0.45
CA TRP A 248 5.68 21.54 0.83
C TRP A 248 5.98 20.04 0.85
N VAL A 249 6.60 19.57 1.91
CA VAL A 249 6.93 18.13 2.08
C VAL A 249 6.08 17.56 3.22
N GLY A 250 5.36 16.46 2.97
CA GLY A 250 4.72 15.65 4.02
C GLY A 250 3.36 16.21 4.42
N GLU A 251 2.65 16.85 3.49
CA GLU A 251 1.27 17.32 3.72
C GLU A 251 0.32 16.20 3.26
N GLU A 252 -0.87 16.54 2.80
CA GLU A 252 -1.91 15.55 2.38
C GLU A 252 -1.40 14.71 1.18
N ASP A 253 -0.69 15.33 0.26
CA ASP A 253 0.17 14.58 -0.68
C ASP A 253 1.63 14.81 -0.26
N GLN A 254 2.49 13.89 -0.62
CA GLN A 254 3.92 13.95 -0.21
C GLN A 254 4.52 15.30 -0.61
N LEU A 255 4.20 15.78 -1.82
CA LEU A 255 4.72 17.02 -2.41
C LEU A 255 3.56 17.93 -2.83
N ARG A 256 3.61 19.18 -2.37
CA ARG A 256 2.79 20.26 -2.96
C ARG A 256 3.81 21.26 -3.54
N ILE A 257 3.87 21.27 -4.86
CA ILE A 257 4.87 21.98 -5.71
C ILE A 257 4.22 23.26 -6.24
N ILE A 258 4.73 24.42 -5.79
CA ILE A 258 4.00 25.72 -5.87
C ILE A 258 4.90 26.77 -6.55
N SER A 259 4.31 27.57 -7.45
CA SER A 259 4.95 28.81 -7.95
C SER A 259 3.97 29.96 -7.77
N ILE A 260 4.47 31.06 -7.20
CA ILE A 260 3.72 32.32 -7.00
C ILE A 260 4.54 33.42 -7.67
N VAL A 261 4.00 34.06 -8.71
CA VAL A 261 4.69 35.13 -9.47
C VAL A 261 3.81 36.38 -9.40
N GLN A 262 4.39 37.51 -8.98
CA GLN A 262 3.77 38.85 -9.14
C GLN A 262 4.03 39.32 -10.57
N GLY A 263 3.00 39.50 -11.37
CA GLY A 263 3.17 39.86 -12.80
C GLY A 263 1.84 39.85 -13.53
N ASN A 264 1.87 39.71 -14.85
CA ASN A 264 0.65 39.74 -15.69
C ASN A 264 0.57 38.56 -16.68
N ASP A 265 1.59 37.74 -16.84
CA ASP A 265 1.53 36.64 -17.84
C ASP A 265 1.32 35.30 -17.10
N LEU A 266 0.12 34.71 -17.19
CA LEU A 266 -0.21 33.39 -16.57
C LEU A 266 0.82 32.33 -17.02
N GLY A 267 1.27 32.39 -18.28
CA GLY A 267 2.27 31.46 -18.86
C GLY A 267 3.57 31.44 -18.07
N LYS A 268 3.95 32.57 -17.46
CA LYS A 268 5.18 32.66 -16.61
C LYS A 268 5.03 31.85 -15.32
N VAL A 269 3.84 31.79 -14.74
CA VAL A 269 3.72 31.03 -13.45
C VAL A 269 3.78 29.53 -13.79
N ASP A 270 3.21 29.14 -14.93
CA ASP A 270 3.32 27.76 -15.48
C ASP A 270 4.77 27.44 -15.81
N GLN A 271 5.48 28.38 -16.47
CA GLN A 271 6.91 28.18 -16.78
C GLN A 271 7.65 27.95 -15.47
N SER A 272 7.43 28.80 -14.47
CA SER A 272 8.15 28.70 -13.18
C SER A 272 7.82 27.33 -12.55
N LEU A 273 6.57 26.94 -12.59
CA LEU A 273 6.13 25.66 -12.00
C LEU A 273 6.79 24.49 -12.73
N HIS A 274 6.87 24.54 -14.08
CA HIS A 274 7.41 23.43 -14.87
C HIS A 274 8.90 23.23 -14.59
N GLU A 275 9.65 24.33 -14.44
N GLU A 275 9.65 24.32 -14.43
CA GLU A 275 11.11 24.30 -14.10
CA GLU A 275 11.10 24.28 -14.10
C GLU A 275 11.28 23.55 -12.77
C GLU A 275 11.28 23.55 -12.77
N LEU A 276 10.49 23.92 -11.77
CA LEU A 276 10.56 23.29 -10.44
C LEU A 276 10.21 21.81 -10.56
N LEU A 277 9.15 21.51 -11.28
CA LEU A 277 8.68 20.11 -11.48
C LEU A 277 9.79 19.31 -12.15
N ASN A 278 10.36 19.88 -13.20
CA ASN A 278 11.44 19.26 -14.00
C ASN A 278 12.70 19.04 -13.13
N GLY A 279 13.06 19.99 -12.27
CA GLY A 279 14.17 19.86 -11.31
C GLY A 279 13.98 18.66 -10.39
N ILE A 280 12.76 18.42 -9.91
CA ILE A 280 12.46 17.26 -9.04
C ILE A 280 12.53 16.00 -9.91
N GLU A 281 11.95 16.04 -11.11
CA GLU A 281 11.90 14.85 -12.01
C GLU A 281 13.33 14.40 -12.40
N LYS A 282 14.24 15.35 -12.61
CA LYS A 282 15.63 15.03 -13.07
C LYS A 282 16.37 14.22 -12.01
N SER A 283 15.97 14.24 -10.74
CA SER A 283 16.60 13.38 -9.70
C SER A 283 16.40 11.88 -9.99
N GLY A 284 15.62 11.51 -11.03
CA GLY A 284 15.33 10.12 -11.45
C GLY A 284 14.20 9.45 -10.65
N LEU A 285 13.61 10.11 -9.64
CA LEU A 285 12.40 9.57 -8.97
C LEU A 285 11.24 9.65 -9.96
N LYS A 286 10.21 8.86 -9.71
CA LYS A 286 9.02 8.86 -10.58
C LYS A 286 7.82 9.23 -9.73
N PHE A 287 6.90 9.98 -10.33
CA PHE A 287 5.60 10.32 -9.73
C PHE A 287 4.62 9.18 -10.01
N ALA A 288 3.78 8.91 -9.03
CA ALA A 288 2.70 7.91 -9.08
C ALA A 288 1.66 8.44 -10.06
N GLU A 289 1.38 7.67 -11.12
CA GLU A 289 0.39 8.06 -12.14
C GLU A 289 -0.34 6.83 -12.64
N HIS A 290 -1.67 6.92 -12.64
CA HIS A 290 -2.60 5.89 -13.17
C HIS A 290 -2.78 6.12 -14.67
N PRO A 291 -2.75 5.07 -15.53
CA PRO A 291 -2.81 5.26 -16.97
C PRO A 291 -4.15 5.83 -17.47
N VAL A 292 -5.21 5.72 -16.69
CA VAL A 292 -6.55 6.28 -17.07
C VAL A 292 -6.83 7.56 -16.27
N TYR A 293 -6.66 7.52 -14.94
CA TYR A 293 -7.14 8.59 -14.04
C TYR A 293 -6.00 9.55 -13.69
N GLY A 294 -4.80 9.41 -14.26
CA GLY A 294 -3.70 10.37 -14.14
C GLY A 294 -3.05 10.37 -12.75
N ILE A 295 -2.62 11.57 -12.34
CA ILE A 295 -1.75 11.76 -11.15
C ILE A 295 -2.45 11.14 -9.93
N ILE A 296 -1.72 10.30 -9.21
CA ILE A 296 -2.24 9.61 -8.00
C ILE A 296 -2.07 10.52 -6.77
N THR A 297 -3.18 10.79 -6.09
CA THR A 297 -3.30 11.58 -4.84
C THR A 297 -4.02 10.76 -3.76
N THR A 298 -3.79 11.10 -2.50
CA THR A 298 -4.42 10.44 -1.33
C THR A 298 -5.93 10.49 -1.46
N CYS A 299 -6.49 11.67 -1.72
N CYS A 299 -6.45 11.65 -1.84
CA CYS A 299 -7.94 11.84 -1.97
CA CYS A 299 -7.91 11.87 -1.98
C CYS A 299 -8.16 11.79 -3.47
C CYS A 299 -8.22 11.86 -3.47
N PRO A 300 -9.12 10.98 -3.96
CA PRO A 300 -9.37 10.87 -5.40
C PRO A 300 -9.93 12.15 -6.07
N THR A 301 -10.43 13.07 -5.25
CA THR A 301 -10.89 14.42 -5.68
C THR A 301 -9.72 15.20 -6.28
N ASN A 302 -8.46 14.86 -5.98
CA ASN A 302 -7.30 15.65 -6.47
C ASN A 302 -6.64 14.99 -7.68
N MET A 303 -7.14 13.85 -8.14
N MET A 303 -7.13 13.83 -8.11
CA MET A 303 -6.39 13.06 -9.14
CA MET A 303 -6.47 13.04 -9.16
C MET A 303 -6.73 13.56 -10.55
C MET A 303 -6.61 13.74 -10.50
N GLY A 304 -5.81 13.30 -11.49
CA GLY A 304 -5.88 13.78 -12.88
C GLY A 304 -4.60 14.53 -13.23
N THR A 305 -4.58 15.83 -13.03
CA THR A 305 -3.37 16.70 -13.15
C THR A 305 -2.77 16.95 -11.75
N GLY A 306 -3.58 16.93 -10.70
CA GLY A 306 -3.21 17.45 -9.36
C GLY A 306 -2.95 18.94 -9.39
N LYS A 307 -3.34 19.62 -10.47
CA LYS A 307 -3.02 21.05 -10.70
C LYS A 307 -4.16 21.94 -10.20
N ARG A 308 -3.77 23.01 -9.51
N ARG A 308 -3.80 23.08 -9.57
CA ARG A 308 -4.66 24.16 -9.22
CA ARG A 308 -4.73 24.15 -9.11
C ARG A 308 -3.94 25.40 -9.76
C ARG A 308 -4.07 25.49 -9.45
N GLN A 309 -4.72 26.31 -10.29
CA GLN A 309 -4.17 27.61 -10.77
C GLN A 309 -5.17 28.73 -10.42
N SER A 310 -4.66 29.91 -10.11
CA SER A 310 -5.51 31.04 -9.71
C SER A 310 -4.72 32.35 -9.81
N ILE A 311 -5.46 33.44 -9.73
CA ILE A 311 -4.91 34.77 -9.44
C ILE A 311 -5.66 35.30 -8.21
N LEU A 312 -5.03 36.27 -7.55
CA LEU A 312 -5.71 37.16 -6.61
C LEU A 312 -6.14 38.41 -7.38
N GLY A 313 -7.42 38.53 -7.62
CA GLY A 313 -8.00 39.69 -8.31
C GLY A 313 -8.73 40.57 -7.32
N LYS A 314 -9.00 41.82 -7.72
CA LYS A 314 -9.83 42.77 -6.92
C LYS A 314 -11.15 43.06 -7.61
N PHE A 315 -12.26 42.77 -6.93
CA PHE A 315 -13.64 42.83 -7.46
C PHE A 315 -14.49 43.65 -6.50
N PRO A 316 -14.12 44.92 -6.25
CA PRO A 316 -14.91 45.77 -5.37
C PRO A 316 -16.37 45.92 -5.86
N ASN A 317 -16.59 45.98 -7.17
CA ASN A 317 -17.94 46.18 -7.73
C ASN A 317 -18.76 44.92 -7.49
N LEU A 318 -18.31 43.74 -7.96
CA LEU A 318 -19.13 42.50 -7.83
C LEU A 318 -19.29 42.13 -6.35
N SER A 319 -18.27 42.34 -5.51
CA SER A 319 -18.33 41.96 -4.07
C SER A 319 -18.96 43.08 -3.23
N LYS A 320 -19.41 44.19 -3.84
CA LYS A 320 -19.95 45.37 -3.12
C LYS A 320 -18.98 45.75 -2.00
N ALA A 321 -17.74 46.07 -2.38
CA ALA A 321 -16.66 46.47 -1.47
C ALA A 321 -16.44 45.41 -0.39
N GLY A 322 -16.53 44.14 -0.77
CA GLY A 322 -16.20 42.98 0.09
C GLY A 322 -17.32 42.61 1.03
N THR A 323 -18.57 43.04 0.77
CA THR A 323 -19.74 42.80 1.64
C THR A 323 -20.66 41.75 1.01
N ASP A 324 -20.46 41.39 -0.26
CA ASP A 324 -21.37 40.43 -0.94
C ASP A 324 -20.52 39.43 -1.75
N GLU A 325 -19.78 38.58 -1.04
CA GLU A 325 -18.93 37.51 -1.62
C GLU A 325 -19.79 36.60 -2.48
N ALA A 326 -21.02 36.29 -2.03
CA ALA A 326 -21.96 35.38 -2.71
C ALA A 326 -22.25 35.89 -4.13
N ASN A 327 -22.31 37.19 -4.32
CA ASN A 327 -22.60 37.77 -5.65
C ASN A 327 -21.38 37.51 -6.56
N LEU A 328 -20.17 37.74 -6.03
CA LEU A 328 -18.92 37.48 -6.79
C LEU A 328 -18.87 35.99 -7.14
N LYS A 329 -19.19 35.12 -6.17
N LYS A 329 -19.19 35.12 -6.17
CA LYS A 329 -19.13 33.65 -6.39
CA LYS A 329 -19.14 33.65 -6.38
C LYS A 329 -20.11 33.27 -7.50
C LYS A 329 -20.12 33.26 -7.49
N ASP A 330 -21.34 33.79 -7.45
CA ASP A 330 -22.42 33.46 -8.43
C ASP A 330 -22.01 33.93 -9.83
N LYS A 331 -21.39 35.11 -9.94
CA LYS A 331 -20.90 35.66 -11.24
C LYS A 331 -19.73 34.81 -11.77
N ALA A 332 -18.79 34.45 -10.90
CA ALA A 332 -17.61 33.62 -11.26
C ALA A 332 -18.13 32.27 -11.79
N LYS A 333 -19.11 31.70 -11.10
CA LYS A 333 -19.72 30.39 -11.45
C LYS A 333 -20.36 30.50 -12.84
N SER A 334 -21.11 31.59 -13.12
CA SER A 334 -21.81 31.79 -14.41
C SER A 334 -20.78 31.65 -15.54
N ILE A 335 -19.52 31.98 -15.26
CA ILE A 335 -18.44 32.01 -16.29
C ILE A 335 -17.61 30.72 -16.27
N GLY A 336 -17.83 29.79 -15.35
CA GLY A 336 -17.03 28.56 -15.24
C GLY A 336 -15.80 28.74 -14.36
N LEU A 337 -15.80 29.80 -13.54
CA LEU A 337 -14.70 30.09 -12.58
C LEU A 337 -15.20 29.83 -11.14
N GLN A 338 -14.25 29.66 -10.22
N GLN A 338 -14.25 29.69 -10.22
CA GLN A 338 -14.50 29.59 -8.76
CA GLN A 338 -14.48 29.57 -8.76
C GLN A 338 -13.84 30.80 -8.10
C GLN A 338 -13.82 30.79 -8.10
N ALA A 339 -14.57 31.49 -7.24
CA ALA A 339 -14.07 32.67 -6.48
C ALA A 339 -14.07 32.32 -4.99
N ARG A 340 -12.98 32.63 -4.29
N ARG A 340 -12.97 32.60 -4.29
CA ARG A 340 -12.89 32.56 -2.81
CA ARG A 340 -12.91 32.55 -2.80
C ARG A 340 -12.36 33.89 -2.28
C ARG A 340 -12.37 33.88 -2.28
N GLY A 341 -13.19 34.62 -1.52
CA GLY A 341 -12.80 35.89 -0.91
C GLY A 341 -11.67 35.68 0.07
N ILE A 342 -10.67 36.56 0.08
CA ILE A 342 -9.50 36.41 0.98
C ILE A 342 -9.83 36.96 2.38
N GLY A 343 -10.53 38.08 2.49
CA GLY A 343 -10.84 38.66 3.83
C GLY A 343 -9.79 39.69 4.20
N GLY A 344 -10.17 40.72 4.95
CA GLY A 344 -9.19 41.64 5.56
C GLY A 344 -8.53 41.04 6.81
N GLU A 345 -7.58 41.77 7.38
CA GLU A 345 -6.84 41.36 8.62
C GLU A 345 -7.85 41.19 9.75
N HIS A 346 -7.74 40.11 10.53
CA HIS A 346 -8.56 39.84 11.74
C HIS A 346 -10.03 39.75 11.33
N SER A 347 -10.28 39.13 10.17
CA SER A 347 -11.61 38.82 9.58
C SER A 347 -12.43 40.10 9.41
N SER A 348 -11.74 41.23 9.18
CA SER A 348 -12.36 42.51 8.76
C SER A 348 -12.83 42.39 7.31
N VAL A 349 -13.75 43.26 6.91
CA VAL A 349 -14.19 43.46 5.49
C VAL A 349 -13.01 44.03 4.68
N ASP A 350 -12.69 43.39 3.54
CA ASP A 350 -11.67 43.86 2.57
C ASP A 350 -12.40 44.63 1.47
N GLN A 351 -12.32 45.96 1.47
CA GLN A 351 -13.14 46.79 0.57
C GLN A 351 -12.64 46.66 -0.87
N GLU A 352 -11.43 46.13 -1.05
CA GLU A 352 -10.89 45.86 -2.39
C GLU A 352 -11.53 44.60 -2.97
N GLY A 353 -12.28 43.80 -2.20
CA GLY A 353 -12.94 42.58 -2.69
C GLY A 353 -11.90 41.67 -3.32
N THR A 354 -10.79 41.47 -2.64
CA THR A 354 -9.71 40.56 -3.07
C THR A 354 -10.26 39.14 -3.02
N ALA A 355 -10.05 38.38 -4.09
CA ALA A 355 -10.51 36.99 -4.18
C ALA A 355 -9.56 36.17 -5.04
N ASP A 356 -9.46 34.91 -4.63
CA ASP A 356 -8.76 33.85 -5.39
C ASP A 356 -9.72 33.40 -6.49
N ILE A 357 -9.30 33.58 -7.74
CA ILE A 357 -10.10 33.19 -8.94
C ILE A 357 -9.39 32.01 -9.62
N SER A 358 -10.09 30.89 -9.76
CA SER A 358 -9.55 29.65 -10.39
C SER A 358 -10.55 29.10 -11.39
N PRO A 359 -10.06 28.34 -12.39
CA PRO A 359 -10.94 27.77 -13.41
C PRO A 359 -11.56 26.50 -12.87
N SER A 360 -12.79 26.23 -13.25
CA SER A 360 -13.36 24.87 -13.19
C SER A 360 -13.04 24.24 -14.54
N ALA A 361 -12.60 23.01 -14.61
CA ALA A 361 -12.37 22.36 -15.93
C ALA A 361 -12.87 20.92 -15.90
N ARG A 362 -13.25 20.39 -17.06
CA ARG A 362 -13.72 18.99 -17.10
C ARG A 362 -12.50 18.11 -16.80
N PHE A 363 -12.77 16.94 -16.23
CA PHE A 363 -11.69 15.99 -15.91
C PHE A 363 -11.02 15.61 -17.22
N GLY A 364 -9.71 15.47 -17.22
CA GLY A 364 -8.99 14.90 -18.38
C GLY A 364 -8.34 15.97 -19.24
N VAL A 365 -8.74 17.23 -19.08
CA VAL A 365 -8.17 18.35 -19.88
C VAL A 365 -6.70 18.57 -19.49
N THR A 366 -5.87 19.01 -20.42
CA THR A 366 -4.42 19.21 -20.15
C THR A 366 -4.18 20.44 -19.28
N GLU A 367 -3.01 20.51 -18.67
CA GLU A 367 -2.48 21.68 -17.93
C GLU A 367 -2.55 22.93 -18.80
N ALA A 368 -2.19 22.82 -20.08
CA ALA A 368 -2.19 23.96 -21.04
C ALA A 368 -3.61 24.49 -21.23
N ILE A 369 -4.59 23.60 -21.29
CA ILE A 369 -6.01 23.98 -21.41
C ILE A 369 -6.52 24.63 -20.10
N VAL A 370 -6.07 24.19 -18.92
CA VAL A 370 -6.50 24.85 -17.67
C VAL A 370 -6.07 26.33 -17.69
N THR A 371 -4.81 26.59 -18.05
CA THR A 371 -4.30 27.97 -18.13
C THR A 371 -5.16 28.80 -19.08
N LYS A 372 -5.47 28.25 -20.26
N LYS A 372 -5.47 28.26 -20.26
CA LYS A 372 -6.26 28.96 -21.31
CA LYS A 372 -6.27 28.97 -21.29
C LYS A 372 -7.65 29.31 -20.76
C LYS A 372 -7.66 29.32 -20.75
N ARG A 373 -8.30 28.37 -20.08
CA ARG A 373 -9.66 28.55 -19.55
C ARG A 373 -9.65 29.60 -18.45
N LEU A 374 -8.60 29.65 -17.64
CA LEU A 374 -8.50 30.72 -16.60
C LEU A 374 -8.46 32.08 -17.31
N PHE A 375 -7.59 32.22 -18.31
CA PHE A 375 -7.40 33.52 -19.03
C PHE A 375 -8.72 33.94 -19.66
N GLU A 376 -9.36 33.04 -20.40
CA GLU A 376 -10.63 33.32 -21.13
C GLU A 376 -11.74 33.66 -20.14
N GLY A 377 -11.77 32.97 -19.00
CA GLY A 377 -12.78 33.26 -17.99
C GLY A 377 -12.52 34.64 -17.39
N LEU A 378 -11.24 35.01 -17.20
CA LEU A 378 -10.91 36.29 -16.55
C LEU A 378 -11.35 37.43 -17.48
N ILE A 379 -11.25 37.26 -18.81
CA ILE A 379 -11.64 38.30 -19.79
C ILE A 379 -13.07 38.70 -19.47
N VAL A 380 -13.95 37.71 -19.33
CA VAL A 380 -15.41 37.95 -19.08
C VAL A 380 -15.63 38.47 -17.65
N LEU A 381 -14.96 37.91 -16.63
CA LEU A 381 -15.22 38.32 -15.22
C LEU A 381 -14.85 39.80 -15.06
N TYR A 382 -13.72 40.21 -15.61
CA TYR A 382 -13.28 41.63 -15.52
C TYR A 382 -14.25 42.52 -16.32
N GLN A 383 -14.87 42.01 -17.39
CA GLN A 383 -15.88 42.78 -18.16
C GLN A 383 -17.06 43.09 -17.23
N ILE A 384 -17.56 42.10 -16.51
CA ILE A 384 -18.77 42.35 -15.69
C ILE A 384 -18.41 43.12 -14.42
N GLU A 385 -17.18 42.96 -13.91
CA GLU A 385 -16.64 43.77 -12.80
C GLU A 385 -16.61 45.23 -13.26
N LYS A 386 -16.12 45.48 -14.49
CA LYS A 386 -15.93 46.85 -15.05
C LYS A 386 -17.29 47.46 -15.39
N THR A 387 -18.28 46.63 -15.73
CA THR A 387 -19.64 47.10 -16.12
C THR A 387 -20.36 47.59 -14.87
N THR A 388 -20.52 46.71 -13.91
CA THR A 388 -21.29 46.93 -12.65
C THR A 388 -21.03 48.36 -12.14
N LYS B 11 -9.18 -7.32 -16.82
CA LYS B 11 -10.19 -8.24 -16.25
C LYS B 11 -9.74 -9.69 -16.47
N ILE B 12 -8.68 -9.94 -17.23
CA ILE B 12 -8.11 -11.33 -17.36
C ILE B 12 -6.92 -11.43 -16.40
N PHE B 13 -6.92 -12.45 -15.54
CA PHE B 13 -5.78 -12.73 -14.63
C PHE B 13 -5.24 -14.14 -14.81
N ALA B 14 -5.93 -15.05 -15.50
CA ALA B 14 -5.47 -16.45 -15.62
C ALA B 14 -4.14 -16.49 -16.39
N LYS B 15 -3.18 -17.25 -15.87
CA LYS B 15 -1.80 -17.40 -16.39
C LYS B 15 -1.83 -17.69 -17.90
N GLN B 16 -2.63 -18.66 -18.33
CA GLN B 16 -2.63 -19.12 -19.75
C GLN B 16 -3.18 -18.02 -20.68
N ASP B 17 -3.99 -17.08 -20.16
CA ASP B 17 -4.47 -15.90 -20.93
C ASP B 17 -3.43 -14.77 -20.90
N VAL B 18 -3.00 -14.33 -19.72
CA VAL B 18 -2.13 -13.11 -19.62
C VAL B 18 -0.74 -13.38 -20.26
N ARG B 19 -0.19 -14.59 -20.16
CA ARG B 19 1.16 -14.88 -20.73
C ARG B 19 1.15 -14.56 -22.23
N LYS B 20 0.01 -14.73 -22.90
CA LYS B 20 -0.09 -14.51 -24.37
C LYS B 20 0.22 -13.05 -24.76
N LEU B 21 0.02 -12.09 -23.86
CA LEU B 21 0.29 -10.66 -24.11
C LEU B 21 1.79 -10.41 -24.31
N TYR B 22 2.68 -11.34 -23.96
CA TYR B 22 4.16 -11.12 -23.99
C TYR B 22 4.79 -11.96 -25.10
N LEU B 23 3.99 -12.48 -26.01
CA LEU B 23 4.48 -13.33 -27.14
C LEU B 23 4.46 -12.50 -28.43
N ASP B 24 5.38 -12.79 -29.35
CA ASP B 24 5.41 -12.13 -30.69
C ASP B 24 4.51 -12.92 -31.63
N GLU B 25 4.49 -12.53 -32.92
CA GLU B 25 3.54 -13.09 -33.92
C GLU B 25 3.84 -14.58 -34.16
N GLN B 26 5.05 -15.05 -33.84
CA GLN B 26 5.48 -16.47 -34.00
C GLN B 26 5.25 -17.29 -32.72
N GLY B 27 4.76 -16.69 -31.64
CA GLY B 27 4.54 -17.39 -30.38
C GLY B 27 5.78 -17.44 -29.49
N ASN B 28 6.88 -16.76 -29.86
CA ASN B 28 8.11 -16.69 -29.03
C ASN B 28 8.00 -15.54 -28.01
N VAL B 29 8.69 -15.68 -26.89
CA VAL B 29 8.68 -14.62 -25.84
C VAL B 29 9.21 -13.32 -26.46
N ASP B 30 8.48 -12.22 -26.29
CA ASP B 30 8.90 -10.91 -26.82
C ASP B 30 9.49 -10.09 -25.66
N PHE B 31 10.82 -9.93 -25.65
CA PHE B 31 11.52 -9.23 -24.55
C PHE B 31 11.27 -7.72 -24.61
N ASN B 32 10.85 -7.18 -25.75
CA ASN B 32 10.44 -5.75 -25.86
C ASN B 32 9.10 -5.55 -25.15
N LYS B 33 8.17 -6.50 -25.29
CA LYS B 33 6.85 -6.45 -24.63
C LYS B 33 7.04 -6.57 -23.11
N ILE B 34 7.92 -7.45 -22.64
CA ILE B 34 8.17 -7.56 -21.17
C ILE B 34 8.67 -6.20 -20.68
N GLN B 35 9.67 -5.62 -21.36
CA GLN B 35 10.32 -4.37 -20.91
C GLN B 35 9.32 -3.20 -20.93
N ALA B 36 8.51 -3.10 -21.98
CA ALA B 36 7.44 -2.07 -22.13
C ALA B 36 6.49 -2.14 -20.92
N ARG B 37 6.16 -3.35 -20.48
CA ARG B 37 5.26 -3.55 -19.33
C ARG B 37 5.96 -3.10 -18.03
N TRP B 38 7.20 -3.53 -17.80
CA TRP B 38 7.97 -3.05 -16.62
C TRP B 38 8.04 -1.52 -16.62
N ASP B 39 8.27 -0.89 -17.78
CA ASP B 39 8.35 0.58 -17.90
C ASP B 39 7.02 1.24 -17.52
N GLU B 40 5.87 0.69 -17.93
CA GLU B 40 4.54 1.21 -17.49
C GLU B 40 4.43 1.14 -15.96
N LEU B 41 4.84 0.00 -15.39
CA LEU B 41 4.68 -0.28 -13.94
C LEU B 41 5.53 0.70 -13.14
N LYS B 42 6.55 1.32 -13.74
CA LYS B 42 7.44 2.25 -13.00
C LYS B 42 6.65 3.50 -12.60
N ASN B 43 5.46 3.68 -13.18
CA ASN B 43 4.55 4.80 -12.82
C ASN B 43 3.74 4.48 -11.56
N ILE B 44 3.81 3.25 -11.05
CA ILE B 44 2.94 2.85 -9.90
C ILE B 44 3.77 2.16 -8.81
N LYS B 45 4.42 1.05 -9.14
N LYS B 45 4.43 1.05 -9.13
CA LYS B 45 5.22 0.27 -8.16
CA LYS B 45 5.21 0.26 -8.15
C LYS B 45 6.25 -0.57 -8.90
C LYS B 45 6.24 -0.58 -8.90
N VAL B 46 7.47 -0.60 -8.38
CA VAL B 46 8.59 -1.39 -8.96
C VAL B 46 8.77 -2.62 -8.07
N SER B 47 8.33 -3.77 -8.55
CA SER B 47 8.55 -5.09 -7.90
C SER B 47 10.05 -5.44 -7.96
N LEU B 48 10.48 -6.39 -7.14
CA LEU B 48 11.89 -6.88 -7.21
C LEU B 48 12.11 -7.54 -8.57
N ALA B 49 11.07 -8.15 -9.16
CA ALA B 49 11.17 -8.78 -10.49
C ALA B 49 11.55 -7.73 -11.52
N ASN B 50 10.93 -6.56 -11.43
CA ASN B 50 11.15 -5.41 -12.32
C ASN B 50 12.57 -4.87 -12.05
N LYS B 51 12.88 -4.52 -10.81
CA LYS B 51 14.16 -3.89 -10.42
C LYS B 51 15.35 -4.71 -10.90
N HIS B 52 15.27 -6.05 -10.82
CA HIS B 52 16.41 -6.94 -11.13
C HIS B 52 16.36 -7.45 -12.56
N TYR B 53 15.41 -6.97 -13.35
CA TYR B 53 15.30 -7.33 -14.79
C TYR B 53 16.27 -6.45 -15.58
N THR B 54 17.54 -6.79 -15.59
CA THR B 54 18.61 -5.94 -16.15
C THR B 54 18.90 -6.35 -17.59
N GLN B 55 19.67 -5.53 -18.28
CA GLN B 55 20.10 -5.76 -19.68
C GLN B 55 20.89 -7.08 -19.72
N ALA B 56 21.76 -7.34 -18.73
CA ALA B 56 22.57 -8.57 -18.62
C ALA B 56 21.66 -9.81 -18.47
N VAL B 57 20.60 -9.67 -17.68
CA VAL B 57 19.60 -10.74 -17.50
C VAL B 57 18.94 -11.02 -18.86
N VAL B 58 18.50 -9.99 -19.55
CA VAL B 58 17.79 -10.15 -20.85
C VAL B 58 18.74 -10.83 -21.84
N GLU B 59 20.01 -10.41 -21.89
CA GLU B 59 20.99 -10.95 -22.86
C GLU B 59 21.18 -12.44 -22.60
N LYS B 60 21.23 -12.84 -21.34
CA LYS B 60 21.38 -14.26 -20.95
C LYS B 60 20.12 -15.04 -21.34
N VAL B 61 18.92 -14.51 -21.06
CA VAL B 61 17.68 -15.28 -21.36
C VAL B 61 17.52 -15.41 -22.88
N LYS B 62 17.91 -14.42 -23.65
CA LYS B 62 17.83 -14.46 -25.14
C LYS B 62 18.69 -15.61 -25.70
N THR B 63 19.72 -16.06 -24.96
CA THR B 63 20.63 -17.15 -25.41
C THR B 63 20.13 -18.52 -24.96
N MET B 64 19.05 -18.57 -24.15
CA MET B 64 18.55 -19.85 -23.64
C MET B 64 17.55 -20.46 -24.65
N SER B 65 17.21 -21.74 -24.50
CA SER B 65 16.27 -22.49 -25.37
C SER B 65 14.86 -21.84 -25.35
N ALA B 66 14.05 -22.05 -26.38
CA ALA B 66 12.67 -21.52 -26.44
C ALA B 66 11.93 -21.93 -25.16
N GLU B 67 12.07 -23.17 -24.71
CA GLU B 67 11.33 -23.74 -23.55
C GLU B 67 11.77 -22.98 -22.29
N ASP B 68 13.04 -22.63 -22.19
CA ASP B 68 13.55 -21.93 -20.98
C ASP B 68 13.07 -20.47 -21.00
N GLN B 69 12.91 -19.87 -22.19
CA GLN B 69 12.40 -18.48 -22.33
C GLN B 69 10.91 -18.45 -21.95
N GLN B 70 10.12 -19.45 -22.37
CA GLN B 70 8.68 -19.60 -21.99
C GLN B 70 8.58 -19.81 -20.46
N ARG B 71 9.51 -20.58 -19.89
CA ARG B 71 9.53 -20.81 -18.43
C ARG B 71 9.85 -19.48 -17.73
N PHE B 72 10.81 -18.73 -18.27
CA PHE B 72 11.22 -17.40 -17.73
C PHE B 72 9.98 -16.49 -17.67
N LEU B 73 9.18 -16.47 -18.75
CA LEU B 73 7.94 -15.66 -18.79
C LEU B 73 7.00 -16.15 -17.68
N ASP B 74 6.96 -17.46 -17.48
CA ASP B 74 6.07 -18.02 -16.42
C ASP B 74 6.55 -17.65 -15.01
N ILE B 75 7.84 -17.39 -14.83
CA ILE B 75 8.44 -17.03 -13.51
C ILE B 75 8.06 -15.59 -13.14
N VAL B 76 7.88 -14.68 -14.12
CA VAL B 76 7.67 -13.23 -13.87
C VAL B 76 6.22 -12.82 -14.14
N ILE B 77 5.35 -13.72 -14.61
CA ILE B 77 4.02 -13.33 -15.18
C ILE B 77 3.15 -12.67 -14.10
N ALA B 78 3.24 -13.11 -12.85
CA ALA B 78 2.40 -12.54 -11.76
C ALA B 78 2.83 -11.08 -11.52
N GLY B 79 4.14 -10.86 -11.56
CA GLY B 79 4.80 -9.53 -11.46
C GLY B 79 4.36 -8.62 -12.59
N LEU B 80 4.33 -9.13 -13.82
CA LEU B 80 3.91 -8.33 -15.00
C LEU B 80 2.44 -7.97 -14.85
N THR B 81 1.64 -8.88 -14.29
CA THR B 81 0.16 -8.81 -14.33
C THR B 81 -0.37 -7.94 -13.18
N ASN B 82 0.21 -8.03 -11.99
CA ASN B 82 -0.37 -7.47 -10.73
C ASN B 82 0.53 -6.36 -10.24
N ASP B 83 0.09 -5.12 -10.37
CA ASP B 83 0.99 -3.98 -10.07
C ASP B 83 1.08 -3.76 -8.55
N ASP B 84 0.39 -4.53 -7.72
CA ASP B 84 0.62 -4.49 -6.25
C ASP B 84 1.76 -5.44 -5.87
N SER B 85 2.37 -6.16 -6.82
CA SER B 85 3.42 -7.18 -6.49
C SER B 85 4.60 -6.52 -5.79
N GLN B 86 5.01 -7.06 -4.65
CA GLN B 86 6.28 -6.65 -3.98
C GLN B 86 7.46 -7.34 -4.66
N VAL B 87 7.31 -8.63 -4.95
CA VAL B 87 8.40 -9.50 -5.47
C VAL B 87 8.07 -9.87 -6.91
N GLY B 88 6.93 -10.53 -7.13
CA GLY B 88 6.40 -10.81 -8.47
C GLY B 88 7.08 -12.01 -9.12
N ILE B 89 7.60 -12.91 -8.31
CA ILE B 89 8.27 -14.15 -8.80
C ILE B 89 7.45 -15.35 -8.38
N SER B 90 7.30 -16.31 -9.28
CA SER B 90 6.74 -17.63 -8.98
C SER B 90 7.64 -18.68 -9.65
N ALA B 91 8.50 -19.36 -8.90
CA ALA B 91 9.28 -20.48 -9.47
C ALA B 91 8.28 -21.56 -9.96
N THR B 92 8.61 -22.25 -11.05
CA THR B 92 7.73 -23.27 -11.70
C THR B 92 8.19 -24.67 -11.31
N ARG B 93 9.46 -24.82 -10.97
CA ARG B 93 9.98 -26.07 -10.35
C ARG B 93 11.25 -25.79 -9.56
N PRO B 94 11.65 -26.75 -8.69
CA PRO B 94 12.81 -26.57 -7.81
C PRO B 94 14.10 -26.20 -8.56
N GLU B 95 14.29 -26.73 -9.78
CA GLU B 95 15.50 -26.46 -10.63
C GLU B 95 15.57 -25.02 -11.09
N ASP B 96 14.45 -24.30 -11.07
CA ASP B 96 14.45 -22.88 -11.49
C ASP B 96 15.46 -22.10 -10.64
N TYR B 97 15.62 -22.47 -9.39
CA TYR B 97 16.53 -21.77 -8.45
C TYR B 97 17.99 -22.10 -8.77
N ASP B 98 18.28 -23.06 -9.63
CA ASP B 98 19.64 -23.19 -10.22
C ASP B 98 19.69 -22.57 -11.61
N VAL B 99 18.78 -23.01 -12.46
CA VAL B 99 18.79 -22.63 -13.90
C VAL B 99 18.67 -21.10 -14.05
N PHE B 100 17.80 -20.45 -13.27
CA PHE B 100 17.57 -18.98 -13.40
C PHE B 100 18.18 -18.20 -12.22
N LEU B 101 19.19 -18.77 -11.59
CA LEU B 101 19.83 -18.16 -10.40
C LEU B 101 20.44 -16.82 -10.79
N PHE B 102 20.96 -16.68 -12.02
CA PHE B 102 21.58 -15.42 -12.51
C PHE B 102 20.61 -14.24 -12.32
N TYR B 103 19.31 -14.49 -12.41
CA TYR B 103 18.22 -13.49 -12.27
C TYR B 103 17.67 -13.52 -10.84
N LEU B 104 17.38 -14.70 -10.30
CA LEU B 104 16.63 -14.81 -9.03
C LEU B 104 17.52 -14.49 -7.82
N GLU B 105 18.83 -14.77 -7.86
CA GLU B 105 19.73 -14.59 -6.71
C GLU B 105 19.65 -13.17 -6.17
N PRO B 106 19.85 -12.09 -6.96
CA PRO B 106 19.75 -10.73 -6.41
C PRO B 106 18.38 -10.42 -5.79
N ILE B 107 17.33 -11.04 -6.31
CA ILE B 107 15.95 -10.85 -5.80
C ILE B 107 15.88 -11.50 -4.42
N ILE B 108 16.35 -12.73 -4.29
CA ILE B 108 16.40 -13.48 -3.00
C ILE B 108 17.24 -12.69 -1.99
N ARG B 109 18.42 -12.25 -2.41
CA ARG B 109 19.39 -11.60 -1.52
C ARG B 109 18.83 -10.23 -1.06
N GLU B 110 18.19 -9.49 -1.94
CA GLU B 110 17.60 -8.20 -1.57
C GLU B 110 16.45 -8.43 -0.59
N TYR B 111 15.46 -9.27 -0.91
CA TYR B 111 14.30 -9.51 -0.02
C TYR B 111 14.73 -9.98 1.37
N HIS B 112 15.63 -10.96 1.47
CA HIS B 112 16.04 -11.56 2.76
C HIS B 112 17.22 -10.83 3.41
N LYS B 113 17.74 -9.78 2.77
CA LYS B 113 18.87 -8.93 3.25
C LYS B 113 20.07 -9.83 3.51
N ILE B 114 20.41 -10.65 2.52
CA ILE B 114 21.53 -11.62 2.62
C ILE B 114 22.83 -10.89 2.24
N GLU B 115 23.86 -11.06 3.09
CA GLU B 115 25.19 -10.47 2.85
C GLU B 115 26.24 -11.57 2.92
N GLY B 116 27.28 -11.51 2.06
CA GLY B 116 28.46 -12.38 2.18
C GLY B 116 28.12 -13.83 1.87
N GLU B 117 28.79 -14.76 2.53
CA GLU B 117 28.70 -16.20 2.19
C GLU B 117 27.64 -16.89 3.05
N THR B 118 26.69 -16.16 3.63
CA THR B 118 25.54 -16.78 4.35
C THR B 118 24.90 -17.89 3.52
N LYS B 119 24.70 -19.05 4.15
CA LYS B 119 23.92 -20.21 3.66
C LYS B 119 22.94 -20.64 4.76
N GLN B 120 21.78 -21.16 4.37
CA GLN B 120 20.78 -21.65 5.34
C GLN B 120 21.32 -22.88 6.07
N GLU B 121 21.29 -22.89 7.40
CA GLU B 121 21.56 -24.12 8.17
C GLU B 121 20.26 -24.55 8.84
N HIS B 122 20.12 -25.83 9.16
CA HIS B 122 18.93 -26.40 9.85
C HIS B 122 19.31 -27.06 11.19
N ASP B 123 18.38 -27.04 12.13
CA ASP B 123 18.53 -27.71 13.44
C ASP B 123 17.17 -27.74 14.11
N TRP B 124 16.58 -28.92 14.20
CA TRP B 124 15.28 -29.20 14.85
C TRP B 124 15.49 -29.91 16.19
N ASN B 125 16.71 -29.93 16.70
CA ASN B 125 17.05 -30.47 18.04
C ASN B 125 16.71 -29.38 19.06
N ILE B 126 15.44 -29.29 19.37
CA ILE B 126 14.85 -28.15 20.12
C ILE B 126 14.23 -28.76 21.34
N PRO B 127 14.63 -28.28 22.54
CA PRO B 127 14.23 -28.94 23.76
C PRO B 127 12.75 -28.71 24.07
N VAL B 128 12.19 -29.70 24.75
CA VAL B 128 10.86 -29.58 25.39
C VAL B 128 11.12 -29.36 26.89
N GLY B 129 10.32 -28.52 27.52
CA GLY B 129 10.43 -28.21 28.96
C GLY B 129 11.45 -27.14 29.30
N GLU B 130 12.05 -26.44 28.33
CA GLU B 130 13.00 -25.33 28.57
C GLU B 130 12.35 -23.97 28.31
N TYR B 131 11.81 -23.77 27.10
CA TYR B 131 11.24 -22.48 26.64
C TYR B 131 9.80 -22.37 27.14
N VAL B 132 9.64 -22.33 28.47
CA VAL B 132 8.31 -22.39 29.12
C VAL B 132 7.99 -21.01 29.65
N LEU B 133 6.91 -20.42 29.12
CA LEU B 133 6.56 -18.98 29.31
C LEU B 133 6.21 -18.70 30.78
N THR B 134 5.74 -19.70 31.53
CA THR B 134 5.46 -19.55 32.98
C THR B 134 6.76 -19.29 33.76
N LYS B 135 7.97 -19.55 33.25
CA LYS B 135 9.22 -19.12 33.91
C LYS B 135 9.35 -17.58 33.91
N ILE B 136 8.79 -16.92 32.89
CA ILE B 136 8.78 -15.43 32.77
C ILE B 136 7.71 -14.88 33.70
N ASP B 137 6.51 -15.43 33.65
CA ASP B 137 5.34 -14.94 34.41
C ASP B 137 4.35 -16.08 34.59
N PRO B 138 3.82 -16.31 35.81
CA PRO B 138 2.88 -17.41 36.03
C PRO B 138 1.55 -17.24 35.28
N ALA B 139 1.18 -16.01 34.92
CA ALA B 139 -0.03 -15.69 34.13
C ALA B 139 0.09 -16.19 32.66
N LEU B 140 1.28 -16.62 32.21
CA LEU B 140 1.51 -17.04 30.79
C LEU B 140 1.31 -18.55 30.67
N GLU B 141 0.33 -19.08 31.41
CA GLU B 141 0.03 -20.53 31.43
C GLU B 141 -0.61 -20.94 30.10
N LYS B 142 -1.53 -20.13 29.58
CA LYS B 142 -2.31 -20.46 28.37
C LYS B 142 -2.11 -19.33 27.35
N VAL B 143 -1.13 -19.49 26.48
CA VAL B 143 -0.76 -18.49 25.45
C VAL B 143 -1.04 -19.11 24.08
N SER B 144 -1.57 -18.32 23.15
N SER B 144 -1.58 -18.33 23.15
CA SER B 144 -1.75 -18.77 21.74
CA SER B 144 -1.75 -18.78 21.74
C SER B 144 -0.36 -18.85 21.08
C SER B 144 -0.36 -18.84 21.09
N MET B 145 0.10 -20.07 20.79
CA MET B 145 1.41 -20.32 20.15
C MET B 145 1.16 -20.90 18.75
N ARG B 146 1.76 -20.29 17.72
CA ARG B 146 1.48 -20.58 16.29
C ARG B 146 2.80 -20.76 15.56
N ALA B 147 2.86 -21.76 14.69
CA ALA B 147 4.02 -21.98 13.82
C ALA B 147 3.56 -22.64 12.51
N ARG B 148 4.23 -22.34 11.41
CA ARG B 148 3.95 -23.01 10.12
C ARG B 148 5.25 -23.18 9.34
N VAL B 149 5.35 -24.30 8.63
CA VAL B 149 6.46 -24.57 7.68
C VAL B 149 5.86 -24.91 6.32
N ALA B 150 6.43 -24.34 5.26
CA ALA B 150 6.07 -24.63 3.87
C ALA B 150 7.12 -25.61 3.34
N ARG B 151 6.69 -26.60 2.55
CA ARG B 151 7.61 -27.57 1.90
C ARG B 151 7.11 -27.91 0.48
N ASN B 152 8.07 -28.19 -0.39
CA ASN B 152 7.85 -28.88 -1.69
C ASN B 152 8.70 -30.14 -1.72
N VAL B 153 8.34 -31.06 -2.61
CA VAL B 153 8.88 -32.44 -2.63
C VAL B 153 9.67 -32.67 -3.91
N VAL B 154 10.87 -33.22 -3.78
CA VAL B 154 11.75 -33.56 -4.93
C VAL B 154 10.96 -34.52 -5.84
N GLY B 155 11.04 -34.31 -7.16
CA GLY B 155 10.39 -35.16 -8.18
C GLY B 155 9.07 -34.57 -8.66
N TYR B 156 8.69 -33.37 -8.18
CA TYR B 156 7.43 -32.69 -8.57
C TYR B 156 7.74 -31.25 -9.01
N ASN B 157 6.94 -30.78 -9.95
CA ASN B 157 6.85 -29.35 -10.31
C ASN B 157 6.24 -28.62 -9.12
N LEU B 158 6.54 -27.35 -8.99
CA LEU B 158 5.88 -26.51 -7.96
C LEU B 158 4.43 -26.25 -8.38
N PRO B 159 3.53 -25.93 -7.42
CA PRO B 159 2.10 -25.79 -7.71
C PRO B 159 1.72 -24.72 -8.76
N SER B 160 2.65 -23.81 -9.12
CA SER B 160 2.50 -22.82 -10.20
C SER B 160 2.43 -23.54 -11.57
N SER B 161 2.96 -24.76 -11.69
CA SER B 161 3.08 -25.39 -13.03
C SER B 161 2.68 -26.86 -13.02
N MET B 162 2.04 -27.36 -11.97
CA MET B 162 1.49 -28.74 -11.96
C MET B 162 0.25 -28.75 -12.85
N ASP B 163 0.12 -29.73 -13.74
CA ASP B 163 -1.16 -29.96 -14.45
C ASP B 163 -2.10 -30.74 -13.53
N LYS B 164 -3.36 -30.90 -13.96
CA LYS B 164 -4.43 -31.53 -13.15
C LYS B 164 -3.99 -32.94 -12.71
N ASP B 165 -3.42 -33.71 -13.64
CA ASP B 165 -2.93 -35.09 -13.37
C ASP B 165 -1.84 -35.07 -12.30
N GLU B 166 -0.91 -34.12 -12.37
CA GLU B 166 0.20 -34.05 -11.37
C GLU B 166 -0.36 -33.67 -10.00
N ARG B 167 -1.36 -32.80 -9.93
CA ARG B 167 -1.99 -32.39 -8.64
C ARG B 167 -2.61 -33.63 -8.01
N ILE B 168 -3.35 -34.41 -8.81
CA ILE B 168 -4.03 -35.64 -8.31
C ILE B 168 -2.98 -36.65 -7.86
N LYS B 169 -1.92 -36.85 -8.63
CA LYS B 169 -0.83 -37.79 -8.26
C LYS B 169 -0.19 -37.35 -6.93
N PHE B 170 0.13 -36.06 -6.82
CA PHE B 170 0.74 -35.52 -5.58
C PHE B 170 -0.20 -35.78 -4.40
N GLU B 171 -1.47 -35.45 -4.55
CA GLU B 171 -2.44 -35.63 -3.45
C GLU B 171 -2.54 -37.11 -3.09
N ASN B 172 -2.53 -37.99 -4.09
CA ASN B 172 -2.60 -39.44 -3.84
C ASN B 172 -1.39 -39.84 -3.00
N GLN B 173 -0.20 -39.33 -3.34
CA GLN B 173 1.04 -39.63 -2.57
C GLN B 173 0.83 -39.22 -1.11
N MET B 174 0.29 -38.02 -0.86
N MET B 174 0.27 -38.02 -0.86
CA MET B 174 0.21 -37.48 0.51
CA MET B 174 0.17 -37.47 0.52
C MET B 174 -0.85 -38.25 1.29
C MET B 174 -0.86 -38.27 1.32
N VAL B 175 -1.94 -38.68 0.66
CA VAL B 175 -3.02 -39.45 1.34
C VAL B 175 -2.42 -40.74 1.90
N THR B 176 -1.54 -41.42 1.15
CA THR B 176 -0.94 -42.70 1.58
C THR B 176 0.02 -42.38 2.75
N VAL B 177 0.79 -41.30 2.61
CA VAL B 177 1.72 -40.84 3.69
C VAL B 177 0.87 -40.68 4.96
N PHE B 178 -0.25 -39.96 4.87
CA PHE B 178 -1.10 -39.66 6.04
C PHE B 178 -1.69 -40.92 6.67
N GLU B 179 -2.01 -41.92 5.85
CA GLU B 179 -2.71 -43.14 6.36
C GLU B 179 -1.70 -43.99 7.12
N ASN B 180 -0.40 -43.77 6.87
CA ASN B 180 0.67 -44.70 7.27
C ASN B 180 1.75 -44.03 8.14
N PHE B 181 1.62 -42.76 8.58
CA PHE B 181 2.80 -42.06 9.17
C PHE B 181 2.70 -41.98 10.70
N GLY B 182 1.68 -42.59 11.31
CA GLY B 182 1.67 -42.89 12.75
C GLY B 182 1.02 -41.77 13.56
N ILE B 183 0.72 -40.60 12.98
CA ILE B 183 0.00 -39.53 13.73
C ILE B 183 -1.49 -39.66 13.44
N PRO B 184 -2.37 -39.78 14.46
CA PRO B 184 -3.80 -39.92 14.22
C PRO B 184 -4.42 -38.60 13.71
N GLY B 185 -5.15 -38.69 12.60
CA GLY B 185 -5.84 -37.55 11.99
C GLY B 185 -6.68 -37.98 10.81
N ASN B 186 -7.42 -37.03 10.24
CA ASN B 186 -8.34 -37.21 9.08
C ASN B 186 -7.90 -36.32 7.94
N TYR B 187 -7.95 -36.86 6.72
CA TYR B 187 -7.77 -36.11 5.46
C TYR B 187 -9.11 -35.77 4.82
N TYR B 188 -9.28 -34.49 4.45
CA TYR B 188 -10.45 -33.93 3.72
C TYR B 188 -9.98 -33.36 2.36
N SER B 189 -10.59 -33.87 1.29
CA SER B 189 -10.24 -33.54 -0.12
C SER B 189 -11.33 -32.67 -0.68
N LEU B 190 -10.93 -31.70 -1.51
CA LEU B 190 -11.84 -30.89 -2.39
C LEU B 190 -11.92 -31.53 -3.77
N THR B 191 -11.19 -32.63 -4.01
CA THR B 191 -11.05 -33.26 -5.35
C THR B 191 -12.31 -34.07 -5.65
N PRO B 192 -13.12 -33.70 -6.68
CA PRO B 192 -14.34 -34.44 -6.98
C PRO B 192 -13.98 -35.91 -7.26
N GLY B 193 -14.69 -36.85 -6.64
CA GLY B 193 -14.48 -38.30 -6.87
C GLY B 193 -13.50 -38.92 -5.90
N HIS B 194 -12.82 -38.14 -5.05
CA HIS B 194 -11.87 -38.67 -4.04
C HIS B 194 -12.70 -39.28 -2.90
N LYS B 195 -12.20 -40.36 -2.27
CA LYS B 195 -12.91 -41.07 -1.14
C LYS B 195 -13.09 -40.13 0.04
N ASN B 196 -12.19 -39.16 0.21
CA ASN B 196 -12.24 -38.21 1.35
C ASN B 196 -12.87 -36.91 0.90
N PHE B 197 -13.56 -36.90 -0.24
CA PHE B 197 -14.18 -35.66 -0.79
C PHE B 197 -15.06 -35.03 0.29
N ILE B 198 -15.06 -33.71 0.36
CA ILE B 198 -15.97 -32.94 1.25
C ILE B 198 -16.91 -32.12 0.38
N SER B 199 -18.07 -31.78 0.92
CA SER B 199 -19.08 -30.90 0.28
C SER B 199 -18.60 -29.44 0.40
N ASP B 200 -19.23 -28.51 -0.35
CA ASP B 200 -18.96 -27.04 -0.27
C ASP B 200 -19.33 -26.51 1.12
N GLN B 201 -20.35 -27.11 1.78
CA GLN B 201 -20.81 -26.69 3.13
C GLN B 201 -19.83 -27.20 4.20
N LYS B 202 -19.41 -28.46 4.11
CA LYS B 202 -18.39 -29.03 5.02
C LYS B 202 -17.06 -28.28 4.86
N ALA B 203 -16.73 -27.86 3.62
CA ALA B 203 -15.54 -27.05 3.24
C ALA B 203 -15.63 -25.64 3.83
N ASP B 204 -16.80 -25.01 3.75
CA ASP B 204 -17.01 -23.63 4.26
C ASP B 204 -16.96 -23.65 5.80
N GLU B 205 -17.39 -24.73 6.44
CA GLU B 205 -17.33 -24.86 7.92
C GLU B 205 -15.87 -24.95 8.37
N LEU B 206 -15.04 -25.66 7.60
CA LEU B 206 -13.57 -25.80 7.82
C LEU B 206 -12.87 -24.44 7.63
N ARG B 207 -13.26 -23.64 6.62
CA ARG B 207 -12.66 -22.30 6.36
C ARG B 207 -13.10 -21.35 7.49
N LYS B 208 -14.31 -21.56 8.04
CA LYS B 208 -14.91 -20.66 9.06
C LYS B 208 -14.32 -20.91 10.45
N ARG B 209 -13.93 -22.14 10.74
CA ARG B 209 -13.17 -22.51 11.96
C ARG B 209 -11.66 -22.30 11.74
N HIS B 210 -11.24 -21.74 10.60
CA HIS B 210 -9.85 -21.32 10.26
C HIS B 210 -8.89 -22.52 10.17
N PHE B 211 -9.37 -23.68 9.71
CA PHE B 211 -8.54 -24.84 9.30
C PHE B 211 -8.17 -24.72 7.80
N LEU B 212 -9.18 -24.66 6.94
CA LEU B 212 -9.04 -24.89 5.48
C LEU B 212 -8.70 -23.56 4.80
N PHE B 213 -7.75 -23.63 3.88
CA PHE B 213 -7.29 -22.49 3.07
C PHE B 213 -8.41 -21.97 2.17
N ILE B 214 -8.09 -20.86 1.55
CA ILE B 214 -9.07 -20.07 0.74
C ILE B 214 -9.36 -20.82 -0.57
N ASP B 215 -10.47 -20.50 -1.21
CA ASP B 215 -10.66 -20.74 -2.67
C ASP B 215 -9.66 -19.84 -3.42
N MET B 216 -8.56 -20.42 -3.90
N MET B 216 -8.56 -20.42 -3.90
CA MET B 216 -7.42 -19.68 -4.49
CA MET B 216 -7.42 -19.68 -4.51
C MET B 216 -7.82 -18.96 -5.78
C MET B 216 -7.83 -18.94 -5.78
N THR B 217 -8.95 -19.31 -6.42
CA THR B 217 -9.38 -18.63 -7.69
C THR B 217 -9.90 -17.23 -7.38
N SER B 218 -10.05 -16.86 -6.10
CA SER B 218 -10.41 -15.47 -5.74
C SER B 218 -9.15 -14.58 -5.70
N ASP B 219 -7.94 -15.16 -5.75
CA ASP B 219 -6.67 -14.40 -5.67
C ASP B 219 -6.10 -14.18 -7.09
N ASN B 220 -6.05 -12.92 -7.53
CA ASN B 220 -5.47 -12.52 -8.85
C ASN B 220 -4.02 -13.01 -9.01
N HIS B 221 -3.22 -12.97 -7.95
CA HIS B 221 -1.79 -13.39 -7.96
C HIS B 221 -1.75 -14.88 -8.30
N LEU B 222 -2.58 -15.68 -7.64
CA LEU B 222 -2.54 -17.16 -7.77
C LEU B 222 -3.15 -17.59 -9.11
N MET B 223 -4.09 -16.81 -9.62
CA MET B 223 -4.64 -17.00 -10.98
C MET B 223 -3.54 -16.71 -12.02
N SER B 224 -2.81 -15.62 -11.85
N SER B 224 -2.81 -15.62 -11.85
CA SER B 224 -1.79 -15.16 -12.81
CA SER B 224 -1.79 -15.15 -12.82
C SER B 224 -0.57 -16.09 -12.82
C SER B 224 -0.57 -16.08 -12.83
N ASN B 225 -0.22 -16.70 -11.69
CA ASN B 225 1.03 -17.49 -11.56
C ASN B 225 0.77 -19.00 -11.70
N GLY B 226 -0.49 -19.41 -11.88
CA GLY B 226 -0.85 -20.81 -12.17
C GLY B 226 -1.17 -21.63 -10.92
N VAL B 227 -0.88 -21.11 -9.73
CA VAL B 227 -1.13 -21.83 -8.46
C VAL B 227 -2.61 -22.20 -8.36
N ALA B 228 -3.51 -21.34 -8.82
CA ALA B 228 -4.98 -21.57 -8.74
C ALA B 228 -5.50 -22.39 -9.94
N SER B 229 -4.65 -22.97 -10.79
CA SER B 229 -5.12 -23.69 -12.00
C SER B 229 -5.83 -24.99 -11.60
N ASP B 230 -6.80 -25.41 -12.40
CA ASP B 230 -7.45 -26.74 -12.26
C ASP B 230 -8.04 -26.83 -10.86
N TRP B 231 -8.54 -25.70 -10.37
CA TRP B 231 -9.23 -25.65 -9.06
C TRP B 231 -10.46 -26.53 -9.13
N PRO B 232 -10.81 -27.33 -8.08
CA PRO B 232 -10.01 -27.57 -6.88
C PRO B 232 -9.19 -28.88 -6.88
N PHE B 233 -8.93 -29.46 -8.05
CA PHE B 233 -8.27 -30.77 -8.14
C PHE B 233 -6.95 -30.77 -7.33
N GLY B 234 -6.84 -31.75 -6.43
CA GLY B 234 -5.58 -32.09 -5.77
C GLY B 234 -5.35 -31.26 -4.52
N ARG B 235 -6.35 -30.53 -4.06
CA ARG B 235 -6.28 -29.67 -2.85
C ARG B 235 -7.01 -30.36 -1.72
N GLY B 236 -6.48 -30.28 -0.51
CA GLY B 236 -7.11 -30.88 0.67
C GLY B 236 -6.38 -30.46 1.93
N ILE B 237 -6.89 -30.93 3.07
CA ILE B 237 -6.32 -30.69 4.43
C ILE B 237 -6.38 -31.96 5.28
N TRP B 238 -5.24 -32.36 5.84
CA TRP B 238 -5.15 -33.33 6.96
C TRP B 238 -5.27 -32.54 8.26
N ILE B 239 -6.15 -32.99 9.17
CA ILE B 239 -6.32 -32.39 10.52
C ILE B 239 -6.07 -33.47 11.59
N SER B 240 -5.22 -33.21 12.59
CA SER B 240 -4.92 -34.15 13.70
C SER B 240 -6.18 -34.36 14.55
N GLN B 241 -6.26 -35.47 15.30
CA GLN B 241 -7.48 -35.79 16.08
C GLN B 241 -7.73 -34.67 17.10
N ASP B 242 -6.67 -34.13 17.72
CA ASP B 242 -6.84 -33.11 18.78
C ASP B 242 -6.88 -31.72 18.15
N GLU B 243 -6.74 -31.61 16.82
CA GLU B 243 -7.00 -30.39 16.01
C GLU B 243 -5.93 -29.32 16.24
N SER B 244 -4.79 -29.68 16.82
CA SER B 244 -3.68 -28.73 17.12
C SER B 244 -2.69 -28.70 15.94
N LYS B 245 -2.82 -29.62 14.99
CA LYS B 245 -1.86 -29.84 13.88
C LYS B 245 -2.62 -29.98 12.57
N MET B 246 -2.09 -29.47 11.47
CA MET B 246 -2.73 -29.69 10.16
C MET B 246 -1.72 -29.54 9.04
N VAL B 247 -2.02 -30.22 7.92
CA VAL B 247 -1.20 -30.18 6.69
C VAL B 247 -2.13 -29.81 5.54
N TRP B 248 -1.98 -28.58 5.03
CA TRP B 248 -2.56 -28.11 3.74
C TRP B 248 -1.86 -28.79 2.59
N VAL B 249 -2.64 -29.36 1.69
CA VAL B 249 -2.08 -30.03 0.50
C VAL B 249 -2.50 -29.23 -0.73
N GLY B 250 -1.54 -28.88 -1.58
CA GLY B 250 -1.80 -28.39 -2.94
C GLY B 250 -2.17 -26.92 -3.00
N GLU B 251 -1.78 -26.14 -2.00
CA GLU B 251 -2.03 -24.68 -1.97
C GLU B 251 -0.85 -24.02 -2.70
N GLU B 252 -0.34 -22.91 -2.20
CA GLU B 252 0.71 -22.15 -2.92
C GLU B 252 2.01 -22.96 -2.93
N ASP B 253 2.32 -23.61 -1.81
CA ASP B 253 3.31 -24.71 -1.77
C ASP B 253 2.57 -26.05 -1.65
N GLN B 254 3.24 -27.12 -2.06
CA GLN B 254 2.68 -28.51 -2.04
C GLN B 254 2.20 -28.79 -0.63
N LEU B 255 2.98 -28.41 0.38
CA LEU B 255 2.64 -28.67 1.79
C LEU B 255 2.80 -27.40 2.64
N ARG B 256 1.84 -27.19 3.53
CA ARG B 256 1.94 -26.20 4.63
C ARG B 256 1.55 -26.93 5.92
N ILE B 257 2.51 -27.07 6.82
CA ILE B 257 2.37 -27.79 8.11
C ILE B 257 2.20 -26.75 9.21
N ILE B 258 1.08 -26.82 9.92
CA ILE B 258 0.66 -25.76 10.87
C ILE B 258 0.43 -26.39 12.24
N SER B 259 0.95 -25.74 13.27
CA SER B 259 0.71 -26.13 14.68
C SER B 259 0.21 -24.89 15.39
N ILE B 260 -0.93 -25.00 16.07
CA ILE B 260 -1.55 -23.92 16.86
C ILE B 260 -1.96 -24.57 18.18
N VAL B 261 -1.29 -24.15 19.26
CA VAL B 261 -1.34 -24.74 20.63
C VAL B 261 -1.61 -23.58 21.58
N GLN B 262 -2.62 -23.72 22.44
CA GLN B 262 -2.82 -22.85 23.64
C GLN B 262 -2.01 -23.51 24.76
N GLY B 263 -0.92 -22.89 25.19
CA GLY B 263 0.01 -23.55 26.12
C GLY B 263 1.10 -22.60 26.50
N ASN B 264 2.26 -23.12 26.90
CA ASN B 264 3.30 -22.24 27.47
C ASN B 264 4.69 -22.69 27.03
N ASP B 265 4.81 -23.79 26.28
CA ASP B 265 6.14 -24.36 25.92
C ASP B 265 6.35 -24.20 24.41
N LEU B 266 7.20 -23.26 24.01
CA LEU B 266 7.50 -22.98 22.57
C LEU B 266 8.02 -24.27 21.93
N GLY B 267 8.83 -25.04 22.66
CA GLY B 267 9.50 -26.26 22.17
C GLY B 267 8.52 -27.36 21.78
N LYS B 268 7.36 -27.42 22.43
CA LYS B 268 6.28 -28.41 22.13
C LYS B 268 5.68 -28.10 20.76
N VAL B 269 5.50 -26.81 20.42
CA VAL B 269 5.04 -26.41 19.06
C VAL B 269 6.07 -26.92 18.04
N ASP B 270 7.36 -26.64 18.23
CA ASP B 270 8.42 -27.09 17.28
C ASP B 270 8.42 -28.64 17.20
N GLN B 271 8.19 -29.34 18.32
CA GLN B 271 8.16 -30.83 18.36
C GLN B 271 7.04 -31.35 17.44
N SER B 272 5.87 -30.72 17.50
N SER B 272 5.87 -30.72 17.50
CA SER B 272 4.71 -31.03 16.62
CA SER B 272 4.71 -31.03 16.63
C SER B 272 5.12 -30.95 15.15
C SER B 272 5.11 -30.95 15.16
N LEU B 273 5.66 -29.81 14.72
CA LEU B 273 6.11 -29.65 13.31
C LEU B 273 7.14 -30.73 13.01
N HIS B 274 8.10 -30.93 13.92
CA HIS B 274 9.25 -31.84 13.70
C HIS B 274 8.71 -33.25 13.40
N GLU B 275 7.74 -33.69 14.16
CA GLU B 275 7.16 -35.06 14.11
C GLU B 275 6.45 -35.20 12.76
N LEU B 276 5.73 -34.16 12.33
CA LEU B 276 5.04 -34.15 11.02
C LEU B 276 6.07 -34.21 9.89
N LEU B 277 7.13 -33.41 9.96
CA LEU B 277 8.18 -33.37 8.91
C LEU B 277 8.87 -34.74 8.79
N ASN B 278 9.24 -35.32 9.94
N ASN B 278 9.26 -35.31 9.94
CA ASN B 278 9.89 -36.66 10.05
CA ASN B 278 9.89 -36.66 10.05
C ASN B 278 8.96 -37.74 9.48
C ASN B 278 8.94 -37.70 9.44
N GLY B 279 7.67 -37.71 9.84
CA GLY B 279 6.71 -38.73 9.36
C GLY B 279 6.64 -38.72 7.85
N ILE B 280 6.59 -37.52 7.26
CA ILE B 280 6.53 -37.36 5.79
C ILE B 280 7.84 -37.90 5.20
N GLU B 281 8.99 -37.49 5.72
CA GLU B 281 10.31 -37.93 5.21
C GLU B 281 10.45 -39.45 5.34
N LYS B 282 9.94 -40.02 6.44
CA LYS B 282 10.01 -41.47 6.76
C LYS B 282 9.23 -42.27 5.70
N SER B 283 8.28 -41.65 4.98
CA SER B 283 7.50 -42.29 3.91
C SER B 283 8.26 -42.26 2.59
N GLY B 284 9.52 -41.85 2.57
CA GLY B 284 10.39 -41.86 1.38
C GLY B 284 10.34 -40.57 0.58
N LEU B 285 9.73 -39.53 1.12
CA LEU B 285 9.72 -38.20 0.45
C LEU B 285 10.88 -37.36 0.98
N LYS B 286 11.53 -36.67 0.05
CA LYS B 286 12.63 -35.70 0.28
C LYS B 286 12.11 -34.29 -0.04
N PHE B 287 12.33 -33.33 0.86
CA PHE B 287 11.97 -31.90 0.62
C PHE B 287 12.99 -31.22 -0.28
N ALA B 288 12.51 -30.33 -1.16
CA ALA B 288 13.33 -29.60 -2.14
C ALA B 288 14.09 -28.51 -1.38
N GLU B 289 15.38 -28.40 -1.68
CA GLU B 289 16.30 -27.51 -0.94
C GLU B 289 17.37 -27.03 -1.90
N HIS B 290 17.71 -25.75 -1.82
CA HIS B 290 18.83 -25.13 -2.56
C HIS B 290 20.05 -25.18 -1.66
N PRO B 291 21.28 -25.44 -2.17
CA PRO B 291 22.46 -25.52 -1.31
C PRO B 291 22.76 -24.25 -0.49
N VAL B 292 22.42 -23.08 -1.01
CA VAL B 292 22.66 -21.78 -0.34
C VAL B 292 21.36 -21.28 0.30
N TYR B 293 20.25 -21.26 -0.44
CA TYR B 293 19.05 -20.46 -0.08
C TYR B 293 18.03 -21.32 0.63
N GLY B 294 18.37 -22.59 0.87
CA GLY B 294 17.59 -23.46 1.76
C GLY B 294 16.27 -23.93 1.16
N ILE B 295 15.25 -24.06 1.99
CA ILE B 295 13.94 -24.61 1.58
C ILE B 295 13.43 -23.89 0.32
N ILE B 296 13.06 -24.68 -0.70
CA ILE B 296 12.56 -24.17 -2.01
C ILE B 296 11.04 -24.02 -1.91
N THR B 297 10.54 -22.83 -2.22
CA THR B 297 9.09 -22.46 -2.20
C THR B 297 8.76 -21.76 -3.51
N THR B 298 7.47 -21.73 -3.85
CA THR B 298 6.96 -21.09 -5.08
C THR B 298 7.37 -19.61 -5.07
N CYS B 299 7.11 -18.93 -3.96
CA CYS B 299 7.50 -17.51 -3.78
C CYS B 299 8.84 -17.49 -3.06
N PRO B 300 9.85 -16.77 -3.61
CA PRO B 300 11.15 -16.64 -2.97
C PRO B 300 11.14 -16.07 -1.54
N THR B 301 10.11 -15.30 -1.20
CA THR B 301 9.96 -14.72 0.17
C THR B 301 9.85 -15.84 1.23
N ASN B 302 9.47 -17.06 0.88
CA ASN B 302 9.30 -18.17 1.87
C ASN B 302 10.53 -19.09 1.91
N MET B 303 11.63 -18.73 1.25
CA MET B 303 12.82 -19.60 1.21
C MET B 303 13.60 -19.54 2.52
N GLY B 304 14.59 -20.40 2.69
CA GLY B 304 15.39 -20.50 3.91
C GLY B 304 14.88 -21.61 4.79
N THR B 305 14.07 -21.27 5.79
CA THR B 305 13.40 -22.23 6.69
C THR B 305 12.00 -22.55 6.18
N GLY B 306 11.40 -21.70 5.35
CA GLY B 306 9.95 -21.76 5.06
C GLY B 306 9.10 -21.66 6.31
N LYS B 307 9.64 -21.10 7.40
CA LYS B 307 8.98 -21.15 8.72
C LYS B 307 8.56 -19.76 9.17
N ARG B 308 7.38 -19.67 9.79
CA ARG B 308 6.93 -18.50 10.59
C ARG B 308 6.49 -19.02 11.95
N GLN B 309 6.78 -18.30 13.01
CA GLN B 309 6.32 -18.67 14.36
C GLN B 309 6.03 -17.39 15.13
N SER B 310 5.04 -17.47 16.01
CA SER B 310 4.66 -16.32 16.81
C SER B 310 3.90 -16.75 18.05
N ILE B 311 3.77 -15.83 18.98
CA ILE B 311 2.78 -15.94 20.08
C ILE B 311 1.88 -14.72 20.03
N LEU B 312 0.68 -14.83 20.59
CA LEU B 312 -0.13 -13.66 20.99
C LEU B 312 0.18 -13.34 22.45
N GLY B 313 0.73 -12.15 22.73
CA GLY B 313 0.95 -11.66 24.11
C GLY B 313 0.20 -10.38 24.36
N LYS B 314 0.08 -9.98 25.63
CA LYS B 314 -0.61 -8.74 26.04
C LYS B 314 0.42 -7.75 26.58
N PHE B 315 0.51 -6.59 25.95
CA PHE B 315 1.44 -5.50 26.36
C PHE B 315 0.67 -4.20 26.56
N PRO B 316 -0.29 -4.15 27.51
CA PRO B 316 -1.06 -2.93 27.70
C PRO B 316 -0.21 -1.72 28.10
N ASN B 317 0.90 -1.92 28.85
CA ASN B 317 1.80 -0.84 29.28
C ASN B 317 2.58 -0.29 28.08
N LEU B 318 3.24 -1.14 27.31
CA LEU B 318 4.07 -0.69 26.18
C LEU B 318 3.17 -0.05 25.11
N SER B 319 1.97 -0.58 24.91
CA SER B 319 1.06 -0.15 23.84
C SER B 319 0.06 0.92 24.36
N LYS B 320 0.18 1.32 25.63
CA LYS B 320 -0.75 2.28 26.27
C LYS B 320 -2.20 1.89 25.94
N ALA B 321 -2.57 0.67 26.30
CA ALA B 321 -3.92 0.10 26.12
C ALA B 321 -4.29 0.11 24.62
N GLY B 322 -3.32 -0.20 23.77
CA GLY B 322 -3.50 -0.31 22.32
C GLY B 322 -3.46 1.03 21.60
N THR B 323 -3.25 2.15 22.30
CA THR B 323 -3.27 3.51 21.69
C THR B 323 -1.87 3.93 21.22
N ASP B 324 -0.82 3.15 21.49
CA ASP B 324 0.55 3.50 21.04
C ASP B 324 1.26 2.23 20.55
N GLU B 325 0.76 1.70 19.45
CA GLU B 325 1.32 0.49 18.79
C GLU B 325 2.78 0.75 18.43
N ALA B 326 3.13 1.97 17.99
CA ALA B 326 4.49 2.32 17.52
C ALA B 326 5.50 2.09 18.65
N ASN B 327 5.11 2.42 19.89
CA ASN B 327 6.01 2.27 21.06
C ASN B 327 6.30 0.77 21.25
N LEU B 328 5.26 -0.06 21.24
CA LEU B 328 5.43 -1.53 21.37
C LEU B 328 6.30 -2.06 20.22
N LYS B 329 6.04 -1.65 18.97
CA LYS B 329 6.81 -2.14 17.79
C LYS B 329 8.26 -1.69 17.93
N ASP B 330 8.50 -0.46 18.40
CA ASP B 330 9.88 0.09 18.58
C ASP B 330 10.64 -0.75 19.61
N LYS B 331 10.02 -1.01 20.77
CA LYS B 331 10.65 -1.80 21.87
C LYS B 331 10.89 -3.25 21.40
N ALA B 332 9.91 -3.87 20.72
CA ALA B 332 10.05 -5.25 20.20
C ALA B 332 11.27 -5.30 19.27
N LYS B 333 11.36 -4.36 18.35
CA LYS B 333 12.41 -4.27 17.32
C LYS B 333 13.79 -4.10 17.98
N SER B 334 13.88 -3.32 19.06
CA SER B 334 15.15 -3.06 19.77
C SER B 334 15.75 -4.38 20.29
N ILE B 335 14.93 -5.38 20.63
CA ILE B 335 15.42 -6.68 21.19
C ILE B 335 15.27 -7.86 20.21
N GLY B 336 15.13 -7.61 18.91
CA GLY B 336 15.12 -8.66 17.88
C GLY B 336 13.76 -9.35 17.71
N LEU B 337 12.68 -8.64 17.96
CA LEU B 337 11.29 -9.17 17.81
C LEU B 337 10.49 -8.21 16.93
N GLN B 338 9.38 -8.71 16.40
CA GLN B 338 8.42 -7.96 15.58
C GLN B 338 7.06 -8.08 16.26
N ALA B 339 6.42 -6.96 16.48
CA ALA B 339 5.05 -6.87 17.01
C ALA B 339 4.13 -6.41 15.88
N ARG B 340 2.99 -7.06 15.75
N ARG B 340 2.97 -7.03 15.78
CA ARG B 340 1.94 -6.70 14.76
CA ARG B 340 1.95 -6.63 14.78
C ARG B 340 0.58 -6.83 15.46
C ARG B 340 0.58 -6.87 15.42
N GLY B 341 -0.47 -6.33 14.81
CA GLY B 341 -1.84 -6.49 15.31
C GLY B 341 -2.24 -7.96 15.29
N ILE B 342 -3.36 -8.31 15.91
CA ILE B 342 -3.81 -9.73 15.99
C ILE B 342 -4.46 -10.19 14.67
N GLY B 343 -4.75 -9.30 13.72
CA GLY B 343 -5.42 -9.70 12.47
C GLY B 343 -4.48 -9.75 11.27
N GLY B 344 -3.19 -9.96 11.50
CA GLY B 344 -2.18 -10.12 10.43
C GLY B 344 -1.50 -8.80 10.12
N GLU B 345 -0.86 -8.71 8.96
CA GLU B 345 -0.23 -7.46 8.47
C GLU B 345 -1.31 -6.38 8.39
N HIS B 346 -0.96 -5.14 8.77
CA HIS B 346 -1.78 -3.92 8.56
C HIS B 346 -3.03 -4.05 9.44
N SER B 347 -2.93 -4.71 10.58
CA SER B 347 -4.06 -4.88 11.53
C SER B 347 -3.81 -4.08 12.81
N SER B 348 -4.59 -4.27 13.87
CA SER B 348 -4.53 -3.43 15.09
C SER B 348 -4.16 -4.25 16.34
N VAL B 349 -3.38 -3.64 17.21
CA VAL B 349 -3.19 -4.14 18.60
C VAL B 349 -4.50 -3.84 19.32
N ASP B 350 -5.04 -4.77 20.11
CA ASP B 350 -6.35 -4.49 20.75
C ASP B 350 -6.16 -3.74 22.05
N GLN B 351 -7.27 -3.50 22.72
CA GLN B 351 -7.38 -2.57 23.87
C GLN B 351 -6.67 -3.17 25.09
N GLU B 352 -6.49 -4.50 25.15
CA GLU B 352 -5.72 -5.19 26.23
C GLU B 352 -4.22 -5.29 25.85
N GLY B 353 -3.79 -4.66 24.76
CA GLY B 353 -2.40 -4.68 24.30
C GLY B 353 -2.06 -5.97 23.59
N THR B 354 -3.07 -6.72 23.15
CA THR B 354 -2.84 -8.02 22.46
C THR B 354 -2.16 -7.76 21.10
N ALA B 355 -1.00 -8.38 20.91
CA ALA B 355 -0.19 -8.28 19.67
C ALA B 355 0.40 -9.65 19.31
N ASP B 356 0.59 -9.86 18.02
CA ASP B 356 1.34 -11.02 17.49
C ASP B 356 2.82 -10.68 17.62
N ILE B 357 3.59 -11.52 18.30
CA ILE B 357 5.03 -11.31 18.55
C ILE B 357 5.78 -12.44 17.83
N SER B 358 6.72 -12.08 16.98
CA SER B 358 7.54 -13.03 16.20
C SER B 358 8.99 -12.62 16.26
N PRO B 359 9.93 -13.56 16.02
CA PRO B 359 11.36 -13.23 15.97
C PRO B 359 11.67 -12.42 14.71
N SER B 360 12.58 -11.45 14.80
CA SER B 360 12.95 -10.65 13.62
C SER B 360 13.74 -11.58 12.69
N ALA B 361 13.43 -11.55 11.41
CA ALA B 361 14.10 -12.42 10.42
C ALA B 361 15.60 -12.09 10.38
N ARG B 362 16.45 -13.11 10.38
CA ARG B 362 17.88 -13.03 10.03
C ARG B 362 18.25 -14.26 9.19
N PHE B 363 18.43 -14.06 7.90
CA PHE B 363 18.45 -15.17 6.94
C PHE B 363 19.55 -16.14 7.34
N GLY B 364 19.22 -17.42 7.40
CA GLY B 364 20.23 -18.48 7.47
C GLY B 364 20.32 -19.11 8.83
N VAL B 365 19.70 -18.50 9.83
CA VAL B 365 19.79 -18.98 11.24
C VAL B 365 18.96 -20.27 11.38
N THR B 366 19.45 -21.24 12.15
CA THR B 366 18.79 -22.54 12.35
C THR B 366 17.47 -22.33 13.09
N GLU B 367 16.53 -23.24 12.84
CA GLU B 367 15.23 -23.27 13.55
C GLU B 367 15.50 -23.23 15.07
N ALA B 368 16.46 -24.01 15.57
CA ALA B 368 16.72 -24.20 17.01
C ALA B 368 17.13 -22.85 17.63
N ILE B 369 17.99 -22.11 16.95
CA ILE B 369 18.48 -20.79 17.41
C ILE B 369 17.35 -19.75 17.34
N VAL B 370 16.54 -19.75 16.28
CA VAL B 370 15.42 -18.79 16.17
C VAL B 370 14.49 -18.98 17.38
N THR B 371 14.06 -20.22 17.64
CA THR B 371 13.16 -20.48 18.78
C THR B 371 13.83 -20.04 20.10
N LYS B 372 15.13 -20.31 20.29
CA LYS B 372 15.87 -19.88 21.50
C LYS B 372 15.79 -18.33 21.60
N ARG B 373 16.05 -17.64 20.49
CA ARG B 373 16.10 -16.16 20.44
C ARG B 373 14.70 -15.58 20.67
N LEU B 374 13.63 -16.25 20.23
CA LEU B 374 12.25 -15.82 20.51
C LEU B 374 12.03 -15.91 22.03
N PHE B 375 12.38 -17.04 22.64
CA PHE B 375 12.15 -17.21 24.10
C PHE B 375 12.91 -16.14 24.88
N GLU B 376 14.18 -15.95 24.57
CA GLU B 376 15.04 -14.96 25.24
C GLU B 376 14.52 -13.55 24.97
N GLY B 377 14.05 -13.25 23.76
CA GLY B 377 13.45 -11.96 23.39
C GLY B 377 12.25 -11.69 24.28
N LEU B 378 11.40 -12.69 24.46
CA LEU B 378 10.18 -12.59 25.30
C LEU B 378 10.58 -12.35 26.78
N ILE B 379 11.70 -12.92 27.26
CA ILE B 379 12.13 -12.67 28.66
C ILE B 379 12.32 -11.15 28.80
N VAL B 380 13.03 -10.56 27.85
CA VAL B 380 13.35 -9.11 27.88
C VAL B 380 12.06 -8.31 27.65
N LEU B 381 11.24 -8.66 26.64
CA LEU B 381 10.02 -7.90 26.32
C LEU B 381 9.08 -7.84 27.52
N TYR B 382 8.80 -8.96 28.18
CA TYR B 382 7.90 -8.98 29.37
C TYR B 382 8.53 -8.20 30.53
N GLN B 383 9.86 -8.22 30.67
CA GLN B 383 10.55 -7.37 31.67
C GLN B 383 10.33 -5.89 31.33
N ILE B 384 10.49 -5.48 30.07
CA ILE B 384 10.25 -4.07 29.66
C ILE B 384 8.79 -3.72 29.98
N GLU B 385 7.85 -4.60 29.62
CA GLU B 385 6.40 -4.38 29.80
C GLU B 385 6.08 -4.19 31.30
N LYS B 386 6.66 -5.03 32.16
CA LYS B 386 6.31 -5.05 33.60
C LYS B 386 6.95 -3.82 34.27
N THR B 387 8.02 -3.25 33.72
CA THR B 387 8.77 -2.11 34.33
C THR B 387 8.42 -0.80 33.62
N THR B 388 7.50 -0.80 32.65
CA THR B 388 6.99 0.43 32.00
C THR B 388 5.88 1.01 32.87
#